data_1UHA
# 
_entry.id   1UHA 
# 
_audit_conform.dict_name       mmcif_pdbx.dic 
_audit_conform.dict_version    5.397 
_audit_conform.dict_location   http://mmcif.pdb.org/dictionaries/ascii/mmcif_pdbx.dic 
# 
loop_
_database_2.database_id 
_database_2.database_code 
_database_2.pdbx_database_accession 
_database_2.pdbx_DOI 
PDB   1UHA         pdb_00001uha 10.2210/pdb1uha/pdb 
RCSB  RCSB005824   ?            ?                   
WWPDB D_1000005824 ?            ?                   
# 
loop_
_pdbx_audit_revision_history.ordinal 
_pdbx_audit_revision_history.data_content_type 
_pdbx_audit_revision_history.major_revision 
_pdbx_audit_revision_history.minor_revision 
_pdbx_audit_revision_history.revision_date 
1 'Structure model' 1 0 2004-04-13 
2 'Structure model' 1 1 2008-04-27 
3 'Structure model' 1 2 2011-07-13 
4 'Structure model' 1 3 2023-12-27 
5 'Structure model' 1 4 2024-10-16 
# 
_pdbx_audit_revision_details.ordinal             1 
_pdbx_audit_revision_details.revision_ordinal    1 
_pdbx_audit_revision_details.data_content_type   'Structure model' 
_pdbx_audit_revision_details.provider            repository 
_pdbx_audit_revision_details.type                'Initial release' 
_pdbx_audit_revision_details.description         ? 
_pdbx_audit_revision_details.details             ? 
# 
loop_
_pdbx_audit_revision_group.ordinal 
_pdbx_audit_revision_group.revision_ordinal 
_pdbx_audit_revision_group.data_content_type 
_pdbx_audit_revision_group.group 
1 2 'Structure model' 'Version format compliance' 
2 3 'Structure model' 'Version format compliance' 
3 4 'Structure model' 'Data collection'           
4 4 'Structure model' 'Database references'       
5 4 'Structure model' 'Derived calculations'      
6 5 'Structure model' 'Structure summary'         
# 
loop_
_pdbx_audit_revision_category.ordinal 
_pdbx_audit_revision_category.revision_ordinal 
_pdbx_audit_revision_category.data_content_type 
_pdbx_audit_revision_category.category 
1 4 'Structure model' chem_comp_atom            
2 4 'Structure model' chem_comp_bond            
3 4 'Structure model' database_2                
4 4 'Structure model' pdbx_struct_conn_angle    
5 4 'Structure model' struct_conn               
6 4 'Structure model' struct_site               
7 5 'Structure model' pdbx_entry_details        
8 5 'Structure model' pdbx_modification_feature 
# 
loop_
_pdbx_audit_revision_item.ordinal 
_pdbx_audit_revision_item.revision_ordinal 
_pdbx_audit_revision_item.data_content_type 
_pdbx_audit_revision_item.item 
1  4 'Structure model' '_database_2.pdbx_DOI'                        
2  4 'Structure model' '_database_2.pdbx_database_accession'         
3  4 'Structure model' '_pdbx_struct_conn_angle.ptnr1_auth_comp_id'  
4  4 'Structure model' '_pdbx_struct_conn_angle.ptnr1_auth_seq_id'   
5  4 'Structure model' '_pdbx_struct_conn_angle.ptnr1_label_asym_id' 
6  4 'Structure model' '_pdbx_struct_conn_angle.ptnr1_label_atom_id' 
7  4 'Structure model' '_pdbx_struct_conn_angle.ptnr1_label_comp_id' 
8  4 'Structure model' '_pdbx_struct_conn_angle.ptnr1_label_seq_id'  
9  4 'Structure model' '_pdbx_struct_conn_angle.ptnr1_symmetry'      
10 4 'Structure model' '_pdbx_struct_conn_angle.ptnr3_auth_comp_id'  
11 4 'Structure model' '_pdbx_struct_conn_angle.ptnr3_auth_seq_id'   
12 4 'Structure model' '_pdbx_struct_conn_angle.ptnr3_label_asym_id' 
13 4 'Structure model' '_pdbx_struct_conn_angle.ptnr3_label_atom_id' 
14 4 'Structure model' '_pdbx_struct_conn_angle.ptnr3_label_comp_id' 
15 4 'Structure model' '_pdbx_struct_conn_angle.ptnr3_label_seq_id'  
16 4 'Structure model' '_pdbx_struct_conn_angle.ptnr3_symmetry'      
17 4 'Structure model' '_pdbx_struct_conn_angle.value'               
18 4 'Structure model' '_struct_conn.pdbx_dist_value'                
19 4 'Structure model' '_struct_conn.ptnr1_auth_comp_id'             
20 4 'Structure model' '_struct_conn.ptnr1_auth_seq_id'              
21 4 'Structure model' '_struct_conn.ptnr1_label_asym_id'            
22 4 'Structure model' '_struct_conn.ptnr1_label_atom_id'            
23 4 'Structure model' '_struct_conn.ptnr1_label_comp_id'            
24 4 'Structure model' '_struct_conn.ptnr1_label_seq_id'             
25 4 'Structure model' '_struct_conn.ptnr1_symmetry'                 
26 4 'Structure model' '_struct_conn.ptnr2_auth_comp_id'             
27 4 'Structure model' '_struct_conn.ptnr2_auth_seq_id'              
28 4 'Structure model' '_struct_conn.ptnr2_label_asym_id'            
29 4 'Structure model' '_struct_conn.ptnr2_label_atom_id'            
30 4 'Structure model' '_struct_conn.ptnr2_label_comp_id'            
31 4 'Structure model' '_struct_conn.ptnr2_label_seq_id'             
32 4 'Structure model' '_struct_conn.ptnr2_symmetry'                 
33 4 'Structure model' '_struct_site.pdbx_auth_asym_id'              
34 4 'Structure model' '_struct_site.pdbx_auth_comp_id'              
35 4 'Structure model' '_struct_site.pdbx_auth_seq_id'               
# 
_pdbx_database_status.status_code                     REL 
_pdbx_database_status.entry_id                        1UHA 
_pdbx_database_status.recvd_initial_deposition_date   2003-06-27 
_pdbx_database_status.deposit_site                    PDBJ 
_pdbx_database_status.process_site                    PDBJ 
_pdbx_database_status.status_code_sf                  REL 
_pdbx_database_status.SG_entry                        . 
_pdbx_database_status.pdb_format_compatible           Y 
_pdbx_database_status.status_code_mr                  ? 
_pdbx_database_status.status_code_cs                  ? 
_pdbx_database_status.status_code_nmr_data            ? 
_pdbx_database_status.methods_development_category    ? 
# 
loop_
_audit_author.name 
_audit_author.pdbx_ordinal 
'Fujii, T.'     1 
'Hayashida, M.' 2 
'Hamasu, M.'    3 
'Ishiguro, M.'  4 
'Hata, Y.'      5 
# 
_citation.id                        primary 
_citation.title                     'Structures of two lectins from the roots of pokeweed (Phytolacca americana).' 
_citation.journal_abbrev            'Acta Crystallogr.,Sect.D' 
_citation.journal_volume            60 
_citation.page_first                665 
_citation.page_last                 673 
_citation.year                      2004 
_citation.journal_id_ASTM           ABCRE6 
_citation.country                   DK 
_citation.journal_id_ISSN           0907-4449 
_citation.journal_id_CSD            0766 
_citation.book_publisher            ? 
_citation.pdbx_database_id_PubMed   15039554 
_citation.pdbx_database_id_DOI      10.1107/S090744490400232X 
# 
loop_
_citation_author.citation_id 
_citation_author.name 
_citation_author.ordinal 
_citation_author.identifier_ORCID 
primary 'Fujii, T.'     1 ? 
primary 'Hayashida, M.' 2 ? 
primary 'Hamasu, M.'    3 ? 
primary 'Ishiguro, M.'  4 ? 
primary 'Hata, Y.'      5 ? 
# 
loop_
_entity.id 
_entity.type 
_entity.src_method 
_entity.pdbx_description 
_entity.formula_weight 
_entity.pdbx_number_of_molecules 
_entity.pdbx_ec 
_entity.pdbx_mutation 
_entity.pdbx_fragment 
_entity.details 
1 polymer     nat lectin-D2     9111.961 1  ? ? ? ? 
2 non-polymer syn 'CALCIUM ION' 40.078   1  ? ? ? ? 
3 water       nat water         18.015   80 ? ? ? ? 
# 
_entity_poly.entity_id                      1 
_entity_poly.type                           'polypeptide(L)' 
_entity_poly.nstd_linkage                   no 
_entity_poly.nstd_monomer                   no 
_entity_poly.pdbx_seq_one_letter_code       
;APECGERASGKRCPNGKCCSQWGYCGTTDNYCGQGCQSQCDYWRCGRDFGGRLCEEDMCCSKYGWCGYSDDHCEDGCQSQ
CD
;
_entity_poly.pdbx_seq_one_letter_code_can   
;APECGERASGKRCPNGKCCSQWGYCGTTDNYCGQGCQSQCDYWRCGRDFGGRLCEEDMCCSKYGWCGYSDDHCEDGCQSQ
CD
;
_entity_poly.pdbx_strand_id                 A 
_entity_poly.pdbx_target_identifier         ? 
# 
loop_
_pdbx_entity_nonpoly.entity_id 
_pdbx_entity_nonpoly.name 
_pdbx_entity_nonpoly.comp_id 
2 'CALCIUM ION' CA  
3 water         HOH 
# 
loop_
_entity_poly_seq.entity_id 
_entity_poly_seq.num 
_entity_poly_seq.mon_id 
_entity_poly_seq.hetero 
1 1  ALA n 
1 2  PRO n 
1 3  GLU n 
1 4  CYS n 
1 5  GLY n 
1 6  GLU n 
1 7  ARG n 
1 8  ALA n 
1 9  SER n 
1 10 GLY n 
1 11 LYS n 
1 12 ARG n 
1 13 CYS n 
1 14 PRO n 
1 15 ASN n 
1 16 GLY n 
1 17 LYS n 
1 18 CYS n 
1 19 CYS n 
1 20 SER n 
1 21 GLN n 
1 22 TRP n 
1 23 GLY n 
1 24 TYR n 
1 25 CYS n 
1 26 GLY n 
1 27 THR n 
1 28 THR n 
1 29 ASP n 
1 30 ASN n 
1 31 TYR n 
1 32 CYS n 
1 33 GLY n 
1 34 GLN n 
1 35 GLY n 
1 36 CYS n 
1 37 GLN n 
1 38 SER n 
1 39 GLN n 
1 40 CYS n 
1 41 ASP n 
1 42 TYR n 
1 43 TRP n 
1 44 ARG n 
1 45 CYS n 
1 46 GLY n 
1 47 ARG n 
1 48 ASP n 
1 49 PHE n 
1 50 GLY n 
1 51 GLY n 
1 52 ARG n 
1 53 LEU n 
1 54 CYS n 
1 55 GLU n 
1 56 GLU n 
1 57 ASP n 
1 58 MET n 
1 59 CYS n 
1 60 CYS n 
1 61 SER n 
1 62 LYS n 
1 63 TYR n 
1 64 GLY n 
1 65 TRP n 
1 66 CYS n 
1 67 GLY n 
1 68 TYR n 
1 69 SER n 
1 70 ASP n 
1 71 ASP n 
1 72 HIS n 
1 73 CYS n 
1 74 GLU n 
1 75 ASP n 
1 76 GLY n 
1 77 CYS n 
1 78 GLN n 
1 79 SER n 
1 80 GLN n 
1 81 CYS n 
1 82 ASP n 
# 
_entity_src_nat.entity_id                  1 
_entity_src_nat.pdbx_src_id                1 
_entity_src_nat.pdbx_alt_source_flag       sample 
_entity_src_nat.pdbx_beg_seq_num           ? 
_entity_src_nat.pdbx_end_seq_num           ? 
_entity_src_nat.common_name                'American pokeweed' 
_entity_src_nat.pdbx_organism_scientific   'Phytolacca americana' 
_entity_src_nat.pdbx_ncbi_taxonomy_id      3527 
_entity_src_nat.genus                      Phytolacca 
_entity_src_nat.species                    ? 
_entity_src_nat.strain                     ? 
_entity_src_nat.tissue                     roots 
_entity_src_nat.tissue_fraction            ? 
_entity_src_nat.pdbx_secretion             ? 
_entity_src_nat.pdbx_fragment              ? 
_entity_src_nat.pdbx_variant               ? 
_entity_src_nat.pdbx_cell_line             ? 
_entity_src_nat.pdbx_atcc                  ? 
_entity_src_nat.pdbx_cellular_location     ? 
_entity_src_nat.pdbx_organ                 ? 
_entity_src_nat.pdbx_organelle             ? 
_entity_src_nat.pdbx_cell                  ? 
_entity_src_nat.pdbx_plasmid_name          ? 
_entity_src_nat.pdbx_plasmid_details       ? 
_entity_src_nat.details                    ? 
# 
loop_
_chem_comp.id 
_chem_comp.type 
_chem_comp.mon_nstd_flag 
_chem_comp.name 
_chem_comp.pdbx_synonyms 
_chem_comp.formula 
_chem_comp.formula_weight 
ALA 'L-peptide linking' y ALANINE         ? 'C3 H7 N O2'     89.093  
ARG 'L-peptide linking' y ARGININE        ? 'C6 H15 N4 O2 1' 175.209 
ASN 'L-peptide linking' y ASPARAGINE      ? 'C4 H8 N2 O3'    132.118 
ASP 'L-peptide linking' y 'ASPARTIC ACID' ? 'C4 H7 N O4'     133.103 
CA  non-polymer         . 'CALCIUM ION'   ? 'Ca 2'           40.078  
CYS 'L-peptide linking' y CYSTEINE        ? 'C3 H7 N O2 S'   121.158 
GLN 'L-peptide linking' y GLUTAMINE       ? 'C5 H10 N2 O3'   146.144 
GLU 'L-peptide linking' y 'GLUTAMIC ACID' ? 'C5 H9 N O4'     147.129 
GLY 'peptide linking'   y GLYCINE         ? 'C2 H5 N O2'     75.067  
HIS 'L-peptide linking' y HISTIDINE       ? 'C6 H10 N3 O2 1' 156.162 
HOH non-polymer         . WATER           ? 'H2 O'           18.015  
LEU 'L-peptide linking' y LEUCINE         ? 'C6 H13 N O2'    131.173 
LYS 'L-peptide linking' y LYSINE          ? 'C6 H15 N2 O2 1' 147.195 
MET 'L-peptide linking' y METHIONINE      ? 'C5 H11 N O2 S'  149.211 
PHE 'L-peptide linking' y PHENYLALANINE   ? 'C9 H11 N O2'    165.189 
PRO 'L-peptide linking' y PROLINE         ? 'C5 H9 N O2'     115.130 
SER 'L-peptide linking' y SERINE          ? 'C3 H7 N O3'     105.093 
THR 'L-peptide linking' y THREONINE       ? 'C4 H9 N O3'     119.119 
TRP 'L-peptide linking' y TRYPTOPHAN      ? 'C11 H12 N2 O2'  204.225 
TYR 'L-peptide linking' y TYROSINE        ? 'C9 H11 N O3'    181.189 
# 
loop_
_pdbx_poly_seq_scheme.asym_id 
_pdbx_poly_seq_scheme.entity_id 
_pdbx_poly_seq_scheme.seq_id 
_pdbx_poly_seq_scheme.mon_id 
_pdbx_poly_seq_scheme.ndb_seq_num 
_pdbx_poly_seq_scheme.pdb_seq_num 
_pdbx_poly_seq_scheme.auth_seq_num 
_pdbx_poly_seq_scheme.pdb_mon_id 
_pdbx_poly_seq_scheme.auth_mon_id 
_pdbx_poly_seq_scheme.pdb_strand_id 
_pdbx_poly_seq_scheme.pdb_ins_code 
_pdbx_poly_seq_scheme.hetero 
A 1 1  ALA 1  1  1  ALA ALA A . n 
A 1 2  PRO 2  2  2  PRO PRO A . n 
A 1 3  GLU 3  3  3  GLU GLU A . n 
A 1 4  CYS 4  4  4  CYS CYS A . n 
A 1 5  GLY 5  5  5  GLY GLY A . n 
A 1 6  GLU 6  6  6  GLU GLU A . n 
A 1 7  ARG 7  7  7  ARG ARG A . n 
A 1 8  ALA 8  8  8  ALA ALA A . n 
A 1 9  SER 9  9  9  SER SER A . n 
A 1 10 GLY 10 10 10 GLY GLY A . n 
A 1 11 LYS 11 11 11 LYS LYS A . n 
A 1 12 ARG 12 12 12 ARG ARG A . n 
A 1 13 CYS 13 13 13 CYS CYS A . n 
A 1 14 PRO 14 14 14 PRO PRO A . n 
A 1 15 ASN 15 15 15 ASN ASN A . n 
A 1 16 GLY 16 16 16 GLY GLY A . n 
A 1 17 LYS 17 17 17 LYS LYS A . n 
A 1 18 CYS 18 18 18 CYS CYS A . n 
A 1 19 CYS 19 19 19 CYS CYS A . n 
A 1 20 SER 20 20 20 SER SER A . n 
A 1 21 GLN 21 21 21 GLN GLN A . n 
A 1 22 TRP 22 22 22 TRP TRP A . n 
A 1 23 GLY 23 23 23 GLY GLY A . n 
A 1 24 TYR 24 24 24 TYR TYR A . n 
A 1 25 CYS 25 25 25 CYS CYS A . n 
A 1 26 GLY 26 26 26 GLY GLY A . n 
A 1 27 THR 27 27 27 THR THR A . n 
A 1 28 THR 28 28 28 THR THR A . n 
A 1 29 ASP 29 29 29 ASP ASP A . n 
A 1 30 ASN 30 30 30 ASN ASN A . n 
A 1 31 TYR 31 31 31 TYR TYR A . n 
A 1 32 CYS 32 32 32 CYS CYS A . n 
A 1 33 GLY 33 33 33 GLY GLY A . n 
A 1 34 GLN 34 34 34 GLN GLN A . n 
A 1 35 GLY 35 35 35 GLY GLY A . n 
A 1 36 CYS 36 36 36 CYS CYS A . n 
A 1 37 GLN 37 37 37 GLN GLN A . n 
A 1 38 SER 38 38 38 SER SER A . n 
A 1 39 GLN 39 39 39 GLN GLN A . n 
A 1 40 CYS 40 40 40 CYS CYS A . n 
A 1 41 ASP 41 41 41 ASP ASP A . n 
A 1 42 TYR 42 42 42 TYR TYR A . n 
A 1 43 TRP 43 43 43 TRP TRP A . n 
A 1 44 ARG 44 44 44 ARG ARG A . n 
A 1 45 CYS 45 45 45 CYS CYS A . n 
A 1 46 GLY 46 46 46 GLY GLY A . n 
A 1 47 ARG 47 47 47 ARG ARG A . n 
A 1 48 ASP 48 48 48 ASP ASP A . n 
A 1 49 PHE 49 49 49 PHE PHE A . n 
A 1 50 GLY 50 50 50 GLY GLY A . n 
A 1 51 GLY 51 51 51 GLY GLY A . n 
A 1 52 ARG 52 52 52 ARG ARG A . n 
A 1 53 LEU 53 53 53 LEU LEU A . n 
A 1 54 CYS 54 54 54 CYS CYS A . n 
A 1 55 GLU 55 55 55 GLU GLU A . n 
A 1 56 GLU 56 56 56 GLU GLU A . n 
A 1 57 ASP 57 57 57 ASP ASP A . n 
A 1 58 MET 58 58 58 MET MET A . n 
A 1 59 CYS 59 59 59 CYS CYS A . n 
A 1 60 CYS 60 60 60 CYS CYS A . n 
A 1 61 SER 61 61 61 SER SER A . n 
A 1 62 LYS 62 62 62 LYS LYS A . n 
A 1 63 TYR 63 63 63 TYR TYR A . n 
A 1 64 GLY 64 64 64 GLY GLY A . n 
A 1 65 TRP 65 65 65 TRP TRP A . n 
A 1 66 CYS 66 66 66 CYS CYS A . n 
A 1 67 GLY 67 67 67 GLY GLY A . n 
A 1 68 TYR 68 68 68 TYR TYR A . n 
A 1 69 SER 69 69 69 SER SER A . n 
A 1 70 ASP 70 70 70 ASP ASP A . n 
A 1 71 ASP 71 71 71 ASP ASP A . n 
A 1 72 HIS 72 72 72 HIS HIS A . n 
A 1 73 CYS 73 73 73 CYS CYS A . n 
A 1 74 GLU 74 74 74 GLU GLU A . n 
A 1 75 ASP 75 75 75 ASP ASP A . n 
A 1 76 GLY 76 76 76 GLY GLY A . n 
A 1 77 CYS 77 77 77 CYS CYS A . n 
A 1 78 GLN 78 78 78 GLN GLN A . n 
A 1 79 SER 79 79 79 SER SER A . n 
A 1 80 GLN 80 80 80 GLN GLN A . n 
A 1 81 CYS 81 81 81 CYS CYS A . n 
A 1 82 ASP 82 82 82 ASP ASP A . n 
# 
loop_
_pdbx_nonpoly_scheme.asym_id 
_pdbx_nonpoly_scheme.entity_id 
_pdbx_nonpoly_scheme.mon_id 
_pdbx_nonpoly_scheme.ndb_seq_num 
_pdbx_nonpoly_scheme.pdb_seq_num 
_pdbx_nonpoly_scheme.auth_seq_num 
_pdbx_nonpoly_scheme.pdb_mon_id 
_pdbx_nonpoly_scheme.auth_mon_id 
_pdbx_nonpoly_scheme.pdb_strand_id 
_pdbx_nonpoly_scheme.pdb_ins_code 
B 2 CA  1  100 100 CA  CA2 A . 
C 3 HOH 1  101 101 HOH WAT A . 
C 3 HOH 2  102 102 HOH WAT A . 
C 3 HOH 3  103 103 HOH WAT A . 
C 3 HOH 4  104 104 HOH WAT A . 
C 3 HOH 5  105 105 HOH WAT A . 
C 3 HOH 6  106 106 HOH WAT A . 
C 3 HOH 7  107 107 HOH WAT A . 
C 3 HOH 8  108 108 HOH WAT A . 
C 3 HOH 9  109 109 HOH WAT A . 
C 3 HOH 10 110 110 HOH WAT A . 
C 3 HOH 11 111 111 HOH WAT A . 
C 3 HOH 12 112 112 HOH WAT A . 
C 3 HOH 13 113 113 HOH WAT A . 
C 3 HOH 14 114 114 HOH WAT A . 
C 3 HOH 15 115 115 HOH WAT A . 
C 3 HOH 16 116 116 HOH WAT A . 
C 3 HOH 17 117 117 HOH WAT A . 
C 3 HOH 18 118 118 HOH WAT A . 
C 3 HOH 19 119 119 HOH WAT A . 
C 3 HOH 20 120 120 HOH WAT A . 
C 3 HOH 21 121 121 HOH WAT A . 
C 3 HOH 22 122 122 HOH WAT A . 
C 3 HOH 23 123 123 HOH WAT A . 
C 3 HOH 24 124 124 HOH WAT A . 
C 3 HOH 25 125 125 HOH WAT A . 
C 3 HOH 26 126 126 HOH WAT A . 
C 3 HOH 27 127 127 HOH WAT A . 
C 3 HOH 28 128 128 HOH WAT A . 
C 3 HOH 29 129 129 HOH WAT A . 
C 3 HOH 30 130 130 HOH WAT A . 
C 3 HOH 31 131 131 HOH WAT A . 
C 3 HOH 32 132 132 HOH WAT A . 
C 3 HOH 33 133 133 HOH WAT A . 
C 3 HOH 34 134 134 HOH WAT A . 
C 3 HOH 35 135 135 HOH WAT A . 
C 3 HOH 36 136 136 HOH WAT A . 
C 3 HOH 37 137 137 HOH WAT A . 
C 3 HOH 38 138 138 HOH WAT A . 
C 3 HOH 39 139 139 HOH WAT A . 
C 3 HOH 40 140 140 HOH WAT A . 
C 3 HOH 41 141 141 HOH WAT A . 
C 3 HOH 42 142 142 HOH WAT A . 
C 3 HOH 43 143 143 HOH WAT A . 
C 3 HOH 44 144 144 HOH WAT A . 
C 3 HOH 45 145 145 HOH WAT A . 
C 3 HOH 46 146 146 HOH WAT A . 
C 3 HOH 47 147 147 HOH WAT A . 
C 3 HOH 48 148 148 HOH WAT A . 
C 3 HOH 49 149 149 HOH WAT A . 
C 3 HOH 50 150 150 HOH WAT A . 
C 3 HOH 51 151 151 HOH WAT A . 
C 3 HOH 52 152 152 HOH WAT A . 
C 3 HOH 53 153 153 HOH WAT A . 
C 3 HOH 54 154 154 HOH WAT A . 
C 3 HOH 55 155 155 HOH WAT A . 
C 3 HOH 56 156 156 HOH WAT A . 
C 3 HOH 57 157 157 HOH WAT A . 
C 3 HOH 58 158 158 HOH WAT A . 
C 3 HOH 59 159 159 HOH WAT A . 
C 3 HOH 60 160 160 HOH WAT A . 
C 3 HOH 61 161 161 HOH WAT A . 
C 3 HOH 62 162 162 HOH WAT A . 
C 3 HOH 63 163 163 HOH WAT A . 
C 3 HOH 64 164 164 HOH WAT A . 
C 3 HOH 65 165 165 HOH WAT A . 
C 3 HOH 66 166 166 HOH WAT A . 
C 3 HOH 67 167 167 HOH WAT A . 
C 3 HOH 68 168 168 HOH WAT A . 
C 3 HOH 69 169 169 HOH WAT A . 
C 3 HOH 70 170 170 HOH WAT A . 
C 3 HOH 71 171 171 HOH WAT A . 
C 3 HOH 72 172 172 HOH WAT A . 
C 3 HOH 73 173 173 HOH WAT A . 
C 3 HOH 74 174 174 HOH WAT A . 
C 3 HOH 75 175 175 HOH WAT A . 
C 3 HOH 76 176 176 HOH WAT A . 
C 3 HOH 77 177 177 HOH WAT A . 
C 3 HOH 78 178 178 HOH WAT A . 
C 3 HOH 79 179 179 HOH WAT A . 
C 3 HOH 80 180 180 HOH WAT A . 
# 
loop_
_software.name 
_software.classification 
_software.version 
_software.citation_id 
_software.pdbx_ordinal 
CNS       refinement       1.1 ? 1 
DENZO     'data reduction' .   ? 2 
SCALEPACK 'data scaling'   .   ? 3 
MOLREP    phasing          .   ? 4 
# 
_cell.entry_id           1UHA 
_cell.length_a           23.240 
_cell.length_b           56.950 
_cell.length_c           29.620 
_cell.angle_alpha        90.00 
_cell.angle_beta         109.30 
_cell.angle_gamma        90.00 
_cell.Z_PDB              2 
_cell.pdbx_unique_axis   ? 
# 
_symmetry.entry_id                         1UHA 
_symmetry.space_group_name_H-M             'P 1 21 1' 
_symmetry.pdbx_full_space_group_name_H-M   ? 
_symmetry.cell_setting                     ? 
_symmetry.Int_Tables_number                4 
# 
_exptl.entry_id          1UHA 
_exptl.method            'X-RAY DIFFRACTION' 
_exptl.crystals_number   2 
# 
_exptl_crystal.id                    1 
_exptl_crystal.density_meas          ? 
_exptl_crystal.density_Matthews      2.03 
_exptl_crystal.density_percent_sol   39.40 
_exptl_crystal.description           ? 
# 
_exptl_crystal_grow.crystal_id      1 
_exptl_crystal_grow.method          'SMALL TUBES' 
_exptl_crystal_grow.temp            298 
_exptl_crystal_grow.temp_details    ? 
_exptl_crystal_grow.pH              4.6 
_exptl_crystal_grow.pdbx_details    
'PEG 8000, 0.2M calcium acetate, 0.1M sodium acetate buffer, pH 4.6, SMALL TUBES, temperature 298K' 
_exptl_crystal_grow.pdbx_pH_range   . 
# 
_diffrn.id                     1 
_diffrn.ambient_temp           293 
_diffrn.ambient_temp_details   ? 
_diffrn.crystal_id             1 
# 
_diffrn_detector.diffrn_id              1 
_diffrn_detector.detector               DIFFRACTOMETER 
_diffrn_detector.type                   WEISSENBERG 
_diffrn_detector.pdbx_collection_date   2000-03-02 
_diffrn_detector.details                ? 
# 
_diffrn_radiation.diffrn_id                        1 
_diffrn_radiation.wavelength_id                    1 
_diffrn_radiation.pdbx_monochromatic_or_laue_m_l   M 
_diffrn_radiation.monochromator                    ? 
_diffrn_radiation.pdbx_diffrn_protocol             'SINGLE WAVELENGTH' 
_diffrn_radiation.pdbx_scattering_type             x-ray 
# 
_diffrn_radiation_wavelength.id           1 
_diffrn_radiation_wavelength.wavelength   1.00 
_diffrn_radiation_wavelength.wt           1.0 
# 
_diffrn_source.diffrn_id                   1 
_diffrn_source.source                      SYNCHROTRON 
_diffrn_source.type                        'PHOTON FACTORY BEAMLINE BL-18B' 
_diffrn_source.pdbx_synchrotron_site       'Photon Factory' 
_diffrn_source.pdbx_synchrotron_beamline   BL-18B 
_diffrn_source.pdbx_wavelength             ? 
_diffrn_source.pdbx_wavelength_list        1.00 
# 
_reflns.entry_id                     1UHA 
_reflns.observed_criterion_sigma_I   1 
_reflns.observed_criterion_sigma_F   0 
_reflns.d_resolution_low             40 
_reflns.d_resolution_high            1.5 
_reflns.number_obs                   11513 
_reflns.number_all                   11513 
_reflns.percent_possible_obs         98.5 
_reflns.pdbx_Rmerge_I_obs            ? 
_reflns.pdbx_Rsym_value              ? 
_reflns.pdbx_netI_over_sigmaI        ? 
_reflns.B_iso_Wilson_estimate        13.9 
_reflns.pdbx_redundancy              ? 
_reflns.R_free_details               ? 
_reflns.limit_h_max                  ? 
_reflns.limit_h_min                  ? 
_reflns.limit_k_max                  ? 
_reflns.limit_k_min                  ? 
_reflns.limit_l_max                  ? 
_reflns.limit_l_min                  ? 
_reflns.observed_criterion_F_max     ? 
_reflns.observed_criterion_F_min     ? 
_reflns.pdbx_diffrn_id               1 
_reflns.pdbx_ordinal                 1 
# 
_reflns_shell.d_res_high             1.5 
_reflns_shell.d_res_low              1.55 
_reflns_shell.percent_possible_all   95.4 
_reflns_shell.Rmerge_I_obs           ? 
_reflns_shell.pdbx_Rsym_value        ? 
_reflns_shell.meanI_over_sigI_obs    ? 
_reflns_shell.pdbx_redundancy        ? 
_reflns_shell.percent_possible_obs   ? 
_reflns_shell.number_unique_all      ? 
_reflns_shell.pdbx_diffrn_id         ? 
_reflns_shell.pdbx_ordinal           1 
# 
_refine.entry_id                                 1UHA 
_refine.ls_number_reflns_obs                     11513 
_refine.ls_number_reflns_all                     11513 
_refine.pdbx_ls_sigma_I                          ? 
_refine.pdbx_ls_sigma_F                          0 
_refine.pdbx_data_cutoff_high_absF               784379.53 
_refine.pdbx_data_cutoff_low_absF                0.00 
_refine.pdbx_data_cutoff_high_rms_absF           ? 
_refine.ls_d_res_low                             27.96 
_refine.ls_d_res_high                            1.50 
_refine.ls_percent_reflns_obs                    98.4 
_refine.ls_R_factor_obs                          0.176 
_refine.ls_R_factor_all                          0.179 
_refine.ls_R_factor_R_work                       0.176 
_refine.ls_R_factor_R_free                       0.207 
_refine.ls_R_factor_R_free_error                 0.006 
_refine.ls_R_factor_R_free_error_details         ? 
_refine.ls_percent_reflns_R_free                 10.3 
_refine.ls_number_reflns_R_free                  1190 
_refine.ls_number_parameters                     ? 
_refine.ls_number_restraints                     ? 
_refine.occupancy_min                            ? 
_refine.occupancy_max                            ? 
_refine.correlation_coeff_Fo_to_Fc               ? 
_refine.correlation_coeff_Fo_to_Fc_free          ? 
_refine.B_iso_mean                               18.3 
_refine.aniso_B[1][1]                            -0.34 
_refine.aniso_B[2][2]                            -1.70 
_refine.aniso_B[3][3]                            2.04 
_refine.aniso_B[1][2]                            0.00 
_refine.aniso_B[1][3]                            0.91 
_refine.aniso_B[2][3]                            0.00 
_refine.solvent_model_details                    'FLAT MODEL' 
_refine.solvent_model_param_ksol                 0.587581 
_refine.solvent_model_param_bsol                 74.8364 
_refine.pdbx_solvent_vdw_probe_radii             ? 
_refine.pdbx_solvent_ion_probe_radii             ? 
_refine.pdbx_solvent_shrinkage_radii             ? 
_refine.pdbx_ls_cross_valid_method               THROUGHOUT 
_refine.details                                  ? 
_refine.pdbx_starting_model                      ? 
_refine.pdbx_method_to_determine_struct          'MOLECULAR REPLACEMENT' 
_refine.pdbx_isotropic_thermal_model             RESTRAINED 
_refine.pdbx_stereochemistry_target_values       'Engh & Huber' 
_refine.pdbx_stereochem_target_val_spec_case     ? 
_refine.pdbx_R_Free_selection_details            RANDOM 
_refine.pdbx_overall_ESU_R                       ? 
_refine.pdbx_overall_ESU_R_Free                  ? 
_refine.overall_SU_ML                            ? 
_refine.overall_SU_B                             ? 
_refine.ls_redundancy_reflns_obs                 ? 
_refine.B_iso_min                                ? 
_refine.B_iso_max                                ? 
_refine.overall_SU_R_Cruickshank_DPI             ? 
_refine.overall_SU_R_free                        ? 
_refine.pdbx_refine_id                           'X-RAY DIFFRACTION' 
_refine.pdbx_diffrn_id                           1 
_refine.pdbx_TLS_residual_ADP_flag               ? 
_refine.pdbx_overall_phase_error                 ? 
_refine.pdbx_overall_SU_R_free_Cruickshank_DPI   ? 
_refine.pdbx_overall_SU_R_Blow_DPI               ? 
_refine.pdbx_overall_SU_R_free_Blow_DPI          ? 
# 
_refine_analyze.entry_id                        1UHA 
_refine_analyze.Luzzati_coordinate_error_obs    0.15 
_refine_analyze.Luzzati_sigma_a_obs             0.11 
_refine_analyze.Luzzati_d_res_low_obs           5.00 
_refine_analyze.Luzzati_coordinate_error_free   0.17 
_refine_analyze.Luzzati_sigma_a_free            0.13 
_refine_analyze.Luzzati_d_res_low_free          ? 
_refine_analyze.number_disordered_residues      ? 
_refine_analyze.occupancy_sum_hydrogen          ? 
_refine_analyze.occupancy_sum_non_hydrogen      ? 
_refine_analyze.pdbx_Luzzati_d_res_high_obs     ? 
_refine_analyze.pdbx_refine_id                  'X-RAY DIFFRACTION' 
# 
_refine_hist.pdbx_refine_id                   'X-RAY DIFFRACTION' 
_refine_hist.cycle_id                         LAST 
_refine_hist.pdbx_number_atoms_protein        623 
_refine_hist.pdbx_number_atoms_nucleic_acid   0 
_refine_hist.pdbx_number_atoms_ligand         1 
_refine_hist.number_atoms_solvent             80 
_refine_hist.number_atoms_total               704 
_refine_hist.d_res_high                       1.50 
_refine_hist.d_res_low                        27.96 
# 
loop_
_refine_ls_restr.type 
_refine_ls_restr.dev_ideal 
_refine_ls_restr.dev_ideal_target 
_refine_ls_restr.weight 
_refine_ls_restr.number 
_refine_ls_restr.pdbx_refine_id 
_refine_ls_restr.pdbx_restraint_function 
c_bond_d           0.004 ?    ? ? 'X-RAY DIFFRACTION' ? 
c_angle_deg        1.2   ?    ? ? 'X-RAY DIFFRACTION' ? 
c_dihedral_angle_d 22.6  ?    ? ? 'X-RAY DIFFRACTION' ? 
c_improper_angle_d 0.61  ?    ? ? 'X-RAY DIFFRACTION' ? 
c_mcbond_it        1.26  1.50 ? ? 'X-RAY DIFFRACTION' ? 
c_mcangle_it       2.03  2.00 ? ? 'X-RAY DIFFRACTION' ? 
c_scbond_it        2.05  2.00 ? ? 'X-RAY DIFFRACTION' ? 
c_scangle_it       3.23  2.50 ? ? 'X-RAY DIFFRACTION' ? 
# 
_refine_ls_shell.pdbx_total_number_of_bins_used   6 
_refine_ls_shell.d_res_high                       1.50 
_refine_ls_shell.d_res_low                        1.59 
_refine_ls_shell.number_reflns_R_work             1624 
_refine_ls_shell.R_factor_R_work                  0.211 
_refine_ls_shell.percent_reflns_obs               94.4 
_refine_ls_shell.R_factor_R_free                  0.257 
_refine_ls_shell.R_factor_R_free_error            0.018 
_refine_ls_shell.percent_reflns_R_free            10.8 
_refine_ls_shell.number_reflns_R_free             196 
_refine_ls_shell.number_reflns_obs                ? 
_refine_ls_shell.redundancy_reflns_obs            ? 
_refine_ls_shell.number_reflns_all                ? 
_refine_ls_shell.pdbx_refine_id                   'X-RAY DIFFRACTION' 
_refine_ls_shell.R_factor_all                     ? 
# 
loop_
_pdbx_xplor_file.serial_no 
_pdbx_xplor_file.param_file 
_pdbx_xplor_file.topol_file 
_pdbx_xplor_file.pdbx_refine_id 
1 PROTEIN_REP.PARAM PROTEIN.TOP 'X-RAY DIFFRACTION' 
2 DNA-RNA_REP.PARAM DNA-RNA.TOP 'X-RAY DIFFRACTION' 
3 WATER_REP.PARAM   WATER.TOP   'X-RAY DIFFRACTION' 
4 ION.PARAM         ION.TOP     'X-RAY DIFFRACTION' 
# 
_struct.entry_id                  1UHA 
_struct.title                     'Crystal Structure of Pokeweed Lectin-D2' 
_struct.pdbx_model_details        ? 
_struct.pdbx_CASP_flag            ? 
_struct.pdbx_model_type_details   ? 
# 
_struct_keywords.entry_id        1UHA 
_struct_keywords.pdbx_keywords   'SUGAR BINDING PROTEIN' 
_struct_keywords.text            'lectin, chitin-binding domain, SUGAR BINDING PROTEIN' 
# 
loop_
_struct_asym.id 
_struct_asym.pdbx_blank_PDB_chainid_flag 
_struct_asym.pdbx_modified 
_struct_asym.entity_id 
_struct_asym.details 
A N N 1 ? 
B N N 2 ? 
C N N 3 ? 
# 
_struct_ref.id                         1 
_struct_ref.db_name                    UNP 
_struct_ref.db_code                    LED2_PHYAM 
_struct_ref.pdbx_db_accession          P83790 
_struct_ref.entity_id                  1 
_struct_ref.pdbx_align_begin           1 
_struct_ref.pdbx_db_isoform            ? 
_struct_ref.pdbx_seq_one_letter_code   ? 
# 
_struct_ref_seq.align_id                      1 
_struct_ref_seq.ref_id                        1 
_struct_ref_seq.pdbx_PDB_id_code              1UHA 
_struct_ref_seq.pdbx_strand_id                A 
_struct_ref_seq.seq_align_beg                 1 
_struct_ref_seq.pdbx_seq_align_beg_ins_code   ? 
_struct_ref_seq.seq_align_end                 82 
_struct_ref_seq.pdbx_seq_align_end_ins_code   ? 
_struct_ref_seq.pdbx_db_accession             P83790 
_struct_ref_seq.db_align_beg                  1 
_struct_ref_seq.pdbx_db_align_beg_ins_code    ? 
_struct_ref_seq.db_align_end                  82 
_struct_ref_seq.pdbx_db_align_end_ins_code    ? 
_struct_ref_seq.pdbx_auth_seq_align_beg       1 
_struct_ref_seq.pdbx_auth_seq_align_end       82 
# 
_pdbx_struct_assembly.id                   1 
_pdbx_struct_assembly.details              author_defined_assembly 
_pdbx_struct_assembly.method_details       ? 
_pdbx_struct_assembly.oligomeric_details   monomeric 
_pdbx_struct_assembly.oligomeric_count     1 
# 
_pdbx_struct_assembly_gen.assembly_id       1 
_pdbx_struct_assembly_gen.oper_expression   1 
_pdbx_struct_assembly_gen.asym_id_list      A,B,C 
# 
_pdbx_struct_oper_list.id                   1 
_pdbx_struct_oper_list.type                 'identity operation' 
_pdbx_struct_oper_list.name                 1_555 
_pdbx_struct_oper_list.symmetry_operation   x,y,z 
_pdbx_struct_oper_list.matrix[1][1]         1.0000000000 
_pdbx_struct_oper_list.matrix[1][2]         0.0000000000 
_pdbx_struct_oper_list.matrix[1][3]         0.0000000000 
_pdbx_struct_oper_list.vector[1]            0.0000000000 
_pdbx_struct_oper_list.matrix[2][1]         0.0000000000 
_pdbx_struct_oper_list.matrix[2][2]         1.0000000000 
_pdbx_struct_oper_list.matrix[2][3]         0.0000000000 
_pdbx_struct_oper_list.vector[2]            0.0000000000 
_pdbx_struct_oper_list.matrix[3][1]         0.0000000000 
_pdbx_struct_oper_list.matrix[3][2]         0.0000000000 
_pdbx_struct_oper_list.matrix[3][3]         1.0000000000 
_pdbx_struct_oper_list.vector[3]            0.0000000000 
# 
_struct_biol.id                    1 
_struct_biol.pdbx_parent_biol_id   ? 
_struct_biol.details               ? 
# 
loop_
_struct_conf.conf_type_id 
_struct_conf.id 
_struct_conf.pdbx_PDB_helix_id 
_struct_conf.beg_label_comp_id 
_struct_conf.beg_label_asym_id 
_struct_conf.beg_label_seq_id 
_struct_conf.pdbx_beg_PDB_ins_code 
_struct_conf.end_label_comp_id 
_struct_conf.end_label_asym_id 
_struct_conf.end_label_seq_id 
_struct_conf.pdbx_end_PDB_ins_code 
_struct_conf.beg_auth_comp_id 
_struct_conf.beg_auth_asym_id 
_struct_conf.beg_auth_seq_id 
_struct_conf.end_auth_comp_id 
_struct_conf.end_auth_asym_id 
_struct_conf.end_auth_seq_id 
_struct_conf.pdbx_PDB_helix_class 
_struct_conf.details 
_struct_conf.pdbx_PDB_helix_length 
HELX_P HELX_P1 1 GLY A 5  ? SER A 9  ? GLY A 5  SER A 9  5 ? 5 
HELX_P HELX_P2 2 CYS A 13 ? LYS A 17 ? CYS A 13 LYS A 17 5 ? 5 
HELX_P HELX_P3 3 THR A 28 ? GLY A 33 ? THR A 28 GLY A 33 1 ? 6 
HELX_P HELX_P4 4 GLY A 46 ? GLY A 50 ? GLY A 46 GLY A 50 5 ? 5 
HELX_P HELX_P5 5 SER A 69 ? GLU A 74 ? SER A 69 GLU A 74 1 ? 6 
# 
_struct_conf_type.id          HELX_P 
_struct_conf_type.criteria    ? 
_struct_conf_type.reference   ? 
# 
loop_
_struct_conn.id 
_struct_conn.conn_type_id 
_struct_conn.pdbx_leaving_atom_flag 
_struct_conn.pdbx_PDB_id 
_struct_conn.ptnr1_label_asym_id 
_struct_conn.ptnr1_label_comp_id 
_struct_conn.ptnr1_label_seq_id 
_struct_conn.ptnr1_label_atom_id 
_struct_conn.pdbx_ptnr1_label_alt_id 
_struct_conn.pdbx_ptnr1_PDB_ins_code 
_struct_conn.pdbx_ptnr1_standard_comp_id 
_struct_conn.ptnr1_symmetry 
_struct_conn.ptnr2_label_asym_id 
_struct_conn.ptnr2_label_comp_id 
_struct_conn.ptnr2_label_seq_id 
_struct_conn.ptnr2_label_atom_id 
_struct_conn.pdbx_ptnr2_label_alt_id 
_struct_conn.pdbx_ptnr2_PDB_ins_code 
_struct_conn.ptnr1_auth_asym_id 
_struct_conn.ptnr1_auth_comp_id 
_struct_conn.ptnr1_auth_seq_id 
_struct_conn.ptnr2_auth_asym_id 
_struct_conn.ptnr2_auth_comp_id 
_struct_conn.ptnr2_auth_seq_id 
_struct_conn.ptnr2_symmetry 
_struct_conn.pdbx_ptnr3_label_atom_id 
_struct_conn.pdbx_ptnr3_label_seq_id 
_struct_conn.pdbx_ptnr3_label_comp_id 
_struct_conn.pdbx_ptnr3_label_asym_id 
_struct_conn.pdbx_ptnr3_label_alt_id 
_struct_conn.pdbx_ptnr3_PDB_ins_code 
_struct_conn.details 
_struct_conn.pdbx_dist_value 
_struct_conn.pdbx_value_order 
_struct_conn.pdbx_role 
disulf1 disulf ? ? A CYS 4  SG  ? ? ? 1_555 A CYS 19 SG ? ? A CYS 4   A CYS 19  1_555 ? ? ? ? ? ? ? 2.029 ? ? 
disulf2 disulf ? ? A CYS 13 SG  ? ? ? 1_555 A CYS 25 SG ? ? A CYS 13  A CYS 25  1_555 ? ? ? ? ? ? ? 2.029 ? ? 
disulf3 disulf ? ? A CYS 18 SG  ? ? ? 1_555 A CYS 32 SG ? ? A CYS 18  A CYS 32  1_555 ? ? ? ? ? ? ? 2.031 ? ? 
disulf4 disulf ? ? A CYS 36 SG  ? ? ? 1_555 A CYS 40 SG ? ? A CYS 36  A CYS 40  1_555 ? ? ? ? ? ? ? 2.028 ? ? 
disulf5 disulf ? ? A CYS 45 SG  ? ? ? 1_555 A CYS 60 SG ? ? A CYS 45  A CYS 60  1_555 ? ? ? ? ? ? ? 2.030 ? ? 
disulf6 disulf ? ? A CYS 54 SG  ? ? ? 1_555 A CYS 66 SG ? ? A CYS 54  A CYS 66  1_555 ? ? ? ? ? ? ? 2.028 ? ? 
disulf7 disulf ? ? A CYS 59 SG  ? ? ? 1_555 A CYS 73 SG ? ? A CYS 59  A CYS 73  1_555 ? ? ? ? ? ? ? 2.029 ? ? 
disulf8 disulf ? ? A CYS 77 SG  ? ? ? 1_555 A CYS 81 SG ? ? A CYS 77  A CYS 81  1_555 ? ? ? ? ? ? ? 2.029 ? ? 
metalc1 metalc ? ? A ASP 48 OD2 ? ? ? 1_455 B CA  .  CA ? ? A ASP 48  A CA  100 1_555 ? ? ? ? ? ? ? 2.362 ? ? 
metalc2 metalc ? ? A ASP 57 OD1 ? ? ? 1_555 B CA  .  CA ? ? A ASP 57  A CA  100 1_555 ? ? ? ? ? ? ? 2.614 ? ? 
metalc3 metalc ? ? A ASP 57 OD2 ? ? ? 1_555 B CA  .  CA ? ? A ASP 57  A CA  100 1_555 ? ? ? ? ? ? ? 2.491 ? ? 
metalc4 metalc ? ? A ASP 82 O   ? ? ? 1_555 B CA  .  CA ? ? A ASP 82  A CA  100 1_555 ? ? ? ? ? ? ? 2.371 ? ? 
metalc5 metalc ? ? B CA  .  CA  ? ? ? 1_555 C HOH .  O  ? ? A CA  100 A HOH 111 1_555 ? ? ? ? ? ? ? 2.428 ? ? 
metalc6 metalc ? ? B CA  .  CA  ? ? ? 1_555 C HOH .  O  ? ? A CA  100 A HOH 112 1_555 ? ? ? ? ? ? ? 2.482 ? ? 
metalc7 metalc ? ? B CA  .  CA  ? ? ? 1_555 C HOH .  O  ? ? A CA  100 A HOH 144 1_555 ? ? ? ? ? ? ? 2.535 ? ? 
# 
loop_
_struct_conn_type.id 
_struct_conn_type.criteria 
_struct_conn_type.reference 
disulf ? ? 
metalc ? ? 
# 
loop_
_pdbx_struct_conn_angle.id 
_pdbx_struct_conn_angle.ptnr1_label_atom_id 
_pdbx_struct_conn_angle.ptnr1_label_alt_id 
_pdbx_struct_conn_angle.ptnr1_label_asym_id 
_pdbx_struct_conn_angle.ptnr1_label_comp_id 
_pdbx_struct_conn_angle.ptnr1_label_seq_id 
_pdbx_struct_conn_angle.ptnr1_auth_atom_id 
_pdbx_struct_conn_angle.ptnr1_auth_asym_id 
_pdbx_struct_conn_angle.ptnr1_auth_comp_id 
_pdbx_struct_conn_angle.ptnr1_auth_seq_id 
_pdbx_struct_conn_angle.ptnr1_PDB_ins_code 
_pdbx_struct_conn_angle.ptnr1_symmetry 
_pdbx_struct_conn_angle.ptnr2_label_atom_id 
_pdbx_struct_conn_angle.ptnr2_label_alt_id 
_pdbx_struct_conn_angle.ptnr2_label_asym_id 
_pdbx_struct_conn_angle.ptnr2_label_comp_id 
_pdbx_struct_conn_angle.ptnr2_label_seq_id 
_pdbx_struct_conn_angle.ptnr2_auth_atom_id 
_pdbx_struct_conn_angle.ptnr2_auth_asym_id 
_pdbx_struct_conn_angle.ptnr2_auth_comp_id 
_pdbx_struct_conn_angle.ptnr2_auth_seq_id 
_pdbx_struct_conn_angle.ptnr2_PDB_ins_code 
_pdbx_struct_conn_angle.ptnr2_symmetry 
_pdbx_struct_conn_angle.ptnr3_label_atom_id 
_pdbx_struct_conn_angle.ptnr3_label_alt_id 
_pdbx_struct_conn_angle.ptnr3_label_asym_id 
_pdbx_struct_conn_angle.ptnr3_label_comp_id 
_pdbx_struct_conn_angle.ptnr3_label_seq_id 
_pdbx_struct_conn_angle.ptnr3_auth_atom_id 
_pdbx_struct_conn_angle.ptnr3_auth_asym_id 
_pdbx_struct_conn_angle.ptnr3_auth_comp_id 
_pdbx_struct_conn_angle.ptnr3_auth_seq_id 
_pdbx_struct_conn_angle.ptnr3_PDB_ins_code 
_pdbx_struct_conn_angle.ptnr3_symmetry 
_pdbx_struct_conn_angle.value 
_pdbx_struct_conn_angle.value_esd 
1  OD2 ? A ASP 48 ? A ASP 48  ? 1_455 CA ? B CA . ? A CA 100 ? 1_555 OD1 ? A ASP 57 ? A ASP 57  ? 1_555 103.6 ? 
2  OD2 ? A ASP 48 ? A ASP 48  ? 1_455 CA ? B CA . ? A CA 100 ? 1_555 OD2 ? A ASP 57 ? A ASP 57  ? 1_555 97.5  ? 
3  OD1 ? A ASP 57 ? A ASP 57  ? 1_555 CA ? B CA . ? A CA 100 ? 1_555 OD2 ? A ASP 57 ? A ASP 57  ? 1_555 50.9  ? 
4  OD2 ? A ASP 48 ? A ASP 48  ? 1_455 CA ? B CA . ? A CA 100 ? 1_555 O   ? A ASP 82 ? A ASP 82  ? 1_555 98.2  ? 
5  OD1 ? A ASP 57 ? A ASP 57  ? 1_555 CA ? B CA . ? A CA 100 ? 1_555 O   ? A ASP 82 ? A ASP 82  ? 1_555 146.1 ? 
6  OD2 ? A ASP 57 ? A ASP 57  ? 1_555 CA ? B CA . ? A CA 100 ? 1_555 O   ? A ASP 82 ? A ASP 82  ? 1_555 150.2 ? 
7  OD2 ? A ASP 48 ? A ASP 48  ? 1_455 CA ? B CA . ? A CA 100 ? 1_555 O   ? C HOH .  ? A HOH 111 ? 1_555 175.0 ? 
8  OD1 ? A ASP 57 ? A ASP 57  ? 1_555 CA ? B CA . ? A CA 100 ? 1_555 O   ? C HOH .  ? A HOH 111 ? 1_555 78.2  ? 
9  OD2 ? A ASP 57 ? A ASP 57  ? 1_555 CA ? B CA . ? A CA 100 ? 1_555 O   ? C HOH .  ? A HOH 111 ? 1_555 79.9  ? 
10 O   ? A ASP 82 ? A ASP 82  ? 1_555 CA ? B CA . ? A CA 100 ? 1_555 O   ? C HOH .  ? A HOH 111 ? 1_555 82.3  ? 
11 OD2 ? A ASP 48 ? A ASP 48  ? 1_455 CA ? B CA . ? A CA 100 ? 1_555 O   ? C HOH .  ? A HOH 112 ? 1_555 82.9  ? 
12 OD1 ? A ASP 57 ? A ASP 57  ? 1_555 CA ? B CA . ? A CA 100 ? 1_555 O   ? C HOH .  ? A HOH 112 ? 1_555 131.8 ? 
13 OD2 ? A ASP 57 ? A ASP 57  ? 1_555 CA ? B CA . ? A CA 100 ? 1_555 O   ? C HOH .  ? A HOH 112 ? 1_555 80.9  ? 
14 O   ? A ASP 82 ? A ASP 82  ? 1_555 CA ? B CA . ? A CA 100 ? 1_555 O   ? C HOH .  ? A HOH 112 ? 1_555 76.1  ? 
15 O   ? C HOH .  ? A HOH 111 ? 1_555 CA ? B CA . ? A CA 100 ? 1_555 O   ? C HOH .  ? A HOH 112 ? 1_555 92.4  ? 
16 OD2 ? A ASP 48 ? A ASP 48  ? 1_455 CA ? B CA . ? A CA 100 ? 1_555 O   ? C HOH .  ? A HOH 144 ? 1_555 81.1  ? 
17 OD1 ? A ASP 57 ? A ASP 57  ? 1_555 CA ? B CA . ? A CA 100 ? 1_555 O   ? C HOH .  ? A HOH 144 ? 1_555 84.1  ? 
18 OD2 ? A ASP 57 ? A ASP 57  ? 1_555 CA ? B CA . ? A CA 100 ? 1_555 O   ? C HOH .  ? A HOH 144 ? 1_555 133.6 ? 
19 O   ? A ASP 82 ? A ASP 82  ? 1_555 CA ? B CA . ? A CA 100 ? 1_555 O   ? C HOH .  ? A HOH 144 ? 1_555 73.9  ? 
20 O   ? C HOH .  ? A HOH 111 ? 1_555 CA ? B CA . ? A CA 100 ? 1_555 O   ? C HOH .  ? A HOH 144 ? 1_555 103.8 ? 
21 O   ? C HOH .  ? A HOH 112 ? 1_555 CA ? B CA . ? A CA 100 ? 1_555 O   ? C HOH .  ? A HOH 144 ? 1_555 143.5 ? 
# 
loop_
_pdbx_modification_feature.ordinal 
_pdbx_modification_feature.label_comp_id 
_pdbx_modification_feature.label_asym_id 
_pdbx_modification_feature.label_seq_id 
_pdbx_modification_feature.label_alt_id 
_pdbx_modification_feature.modified_residue_label_comp_id 
_pdbx_modification_feature.modified_residue_label_asym_id 
_pdbx_modification_feature.modified_residue_label_seq_id 
_pdbx_modification_feature.modified_residue_label_alt_id 
_pdbx_modification_feature.auth_comp_id 
_pdbx_modification_feature.auth_asym_id 
_pdbx_modification_feature.auth_seq_id 
_pdbx_modification_feature.PDB_ins_code 
_pdbx_modification_feature.symmetry 
_pdbx_modification_feature.modified_residue_auth_comp_id 
_pdbx_modification_feature.modified_residue_auth_asym_id 
_pdbx_modification_feature.modified_residue_auth_seq_id 
_pdbx_modification_feature.modified_residue_PDB_ins_code 
_pdbx_modification_feature.modified_residue_symmetry 
_pdbx_modification_feature.comp_id_linking_atom 
_pdbx_modification_feature.modified_residue_id_linking_atom 
_pdbx_modification_feature.modified_residue_id 
_pdbx_modification_feature.ref_pcm_id 
_pdbx_modification_feature.ref_comp_id 
_pdbx_modification_feature.type 
_pdbx_modification_feature.category 
1 CYS A 4  ? CYS A 19 ? CYS A 4  ? 1_555 CYS A 19 ? 1_555 SG SG . . . None 'Disulfide bridge' 
2 CYS A 13 ? CYS A 25 ? CYS A 13 ? 1_555 CYS A 25 ? 1_555 SG SG . . . None 'Disulfide bridge' 
3 CYS A 18 ? CYS A 32 ? CYS A 18 ? 1_555 CYS A 32 ? 1_555 SG SG . . . None 'Disulfide bridge' 
4 CYS A 36 ? CYS A 40 ? CYS A 36 ? 1_555 CYS A 40 ? 1_555 SG SG . . . None 'Disulfide bridge' 
5 CYS A 45 ? CYS A 60 ? CYS A 45 ? 1_555 CYS A 60 ? 1_555 SG SG . . . None 'Disulfide bridge' 
6 CYS A 54 ? CYS A 66 ? CYS A 54 ? 1_555 CYS A 66 ? 1_555 SG SG . . . None 'Disulfide bridge' 
7 CYS A 59 ? CYS A 73 ? CYS A 59 ? 1_555 CYS A 73 ? 1_555 SG SG . . . None 'Disulfide bridge' 
8 CYS A 77 ? CYS A 81 ? CYS A 77 ? 1_555 CYS A 81 ? 1_555 SG SG . . . None 'Disulfide bridge' 
# 
loop_
_struct_sheet.id 
_struct_sheet.type 
_struct_sheet.number_strands 
_struct_sheet.details 
A ? 2 ? 
B ? 2 ? 
# 
loop_
_struct_sheet_order.sheet_id 
_struct_sheet_order.range_id_1 
_struct_sheet_order.range_id_2 
_struct_sheet_order.offset 
_struct_sheet_order.sense 
A 1 2 ? anti-parallel 
B 1 2 ? anti-parallel 
# 
loop_
_struct_sheet_range.sheet_id 
_struct_sheet_range.id 
_struct_sheet_range.beg_label_comp_id 
_struct_sheet_range.beg_label_asym_id 
_struct_sheet_range.beg_label_seq_id 
_struct_sheet_range.pdbx_beg_PDB_ins_code 
_struct_sheet_range.end_label_comp_id 
_struct_sheet_range.end_label_asym_id 
_struct_sheet_range.end_label_seq_id 
_struct_sheet_range.pdbx_end_PDB_ins_code 
_struct_sheet_range.beg_auth_comp_id 
_struct_sheet_range.beg_auth_asym_id 
_struct_sheet_range.beg_auth_seq_id 
_struct_sheet_range.end_auth_comp_id 
_struct_sheet_range.end_auth_asym_id 
_struct_sheet_range.end_auth_seq_id 
A 1 CYS A 18 ? CYS A 19 ? CYS A 18 CYS A 19 
A 2 CYS A 25 ? GLY A 26 ? CYS A 25 GLY A 26 
B 1 CYS A 59 ? CYS A 60 ? CYS A 59 CYS A 60 
B 2 CYS A 66 ? GLY A 67 ? CYS A 66 GLY A 67 
# 
loop_
_pdbx_struct_sheet_hbond.sheet_id 
_pdbx_struct_sheet_hbond.range_id_1 
_pdbx_struct_sheet_hbond.range_id_2 
_pdbx_struct_sheet_hbond.range_1_label_atom_id 
_pdbx_struct_sheet_hbond.range_1_label_comp_id 
_pdbx_struct_sheet_hbond.range_1_label_asym_id 
_pdbx_struct_sheet_hbond.range_1_label_seq_id 
_pdbx_struct_sheet_hbond.range_1_PDB_ins_code 
_pdbx_struct_sheet_hbond.range_1_auth_atom_id 
_pdbx_struct_sheet_hbond.range_1_auth_comp_id 
_pdbx_struct_sheet_hbond.range_1_auth_asym_id 
_pdbx_struct_sheet_hbond.range_1_auth_seq_id 
_pdbx_struct_sheet_hbond.range_2_label_atom_id 
_pdbx_struct_sheet_hbond.range_2_label_comp_id 
_pdbx_struct_sheet_hbond.range_2_label_asym_id 
_pdbx_struct_sheet_hbond.range_2_label_seq_id 
_pdbx_struct_sheet_hbond.range_2_PDB_ins_code 
_pdbx_struct_sheet_hbond.range_2_auth_atom_id 
_pdbx_struct_sheet_hbond.range_2_auth_comp_id 
_pdbx_struct_sheet_hbond.range_2_auth_asym_id 
_pdbx_struct_sheet_hbond.range_2_auth_seq_id 
A 1 2 N CYS A 18 ? N CYS A 18 O GLY A 26 ? O GLY A 26 
B 1 2 N CYS A 59 ? N CYS A 59 O GLY A 67 ? O GLY A 67 
# 
_struct_site.id                   AC1 
_struct_site.pdbx_evidence_code   Software 
_struct_site.pdbx_auth_asym_id    A 
_struct_site.pdbx_auth_comp_id    CA 
_struct_site.pdbx_auth_seq_id     100 
_struct_site.pdbx_auth_ins_code   ? 
_struct_site.pdbx_num_residues    6 
_struct_site.details              'BINDING SITE FOR RESIDUE CA A 100' 
# 
loop_
_struct_site_gen.id 
_struct_site_gen.site_id 
_struct_site_gen.pdbx_num_res 
_struct_site_gen.label_comp_id 
_struct_site_gen.label_asym_id 
_struct_site_gen.label_seq_id 
_struct_site_gen.pdbx_auth_ins_code 
_struct_site_gen.auth_comp_id 
_struct_site_gen.auth_asym_id 
_struct_site_gen.auth_seq_id 
_struct_site_gen.label_atom_id 
_struct_site_gen.label_alt_id 
_struct_site_gen.symmetry 
_struct_site_gen.details 
1 AC1 6 ASP A 48 ? ASP A 48  . ? 1_455 ? 
2 AC1 6 ASP A 57 ? ASP A 57  . ? 1_555 ? 
3 AC1 6 ASP A 82 ? ASP A 82  . ? 1_555 ? 
4 AC1 6 HOH C .  ? HOH A 111 . ? 1_555 ? 
5 AC1 6 HOH C .  ? HOH A 112 . ? 1_555 ? 
6 AC1 6 HOH C .  ? HOH A 144 . ? 1_555 ? 
# 
_pdbx_entry_details.entry_id                   1UHA 
_pdbx_entry_details.compound_details           ? 
_pdbx_entry_details.source_details             ? 
_pdbx_entry_details.nonpolymer_details         ? 
_pdbx_entry_details.sequence_details           ? 
_pdbx_entry_details.has_ligand_of_interest     ? 
_pdbx_entry_details.has_protein_modification   Y 
# 
loop_
_pdbx_validate_torsion.id 
_pdbx_validate_torsion.PDB_model_num 
_pdbx_validate_torsion.auth_comp_id 
_pdbx_validate_torsion.auth_asym_id 
_pdbx_validate_torsion.auth_seq_id 
_pdbx_validate_torsion.PDB_ins_code 
_pdbx_validate_torsion.label_alt_id 
_pdbx_validate_torsion.phi 
_pdbx_validate_torsion.psi 
1 1 GLU A 74 ? ? -85.03 -142.03 
2 1 ASP A 75 ? ? -37.30 121.46  
# 
loop_
_chem_comp_atom.comp_id 
_chem_comp_atom.atom_id 
_chem_comp_atom.type_symbol 
_chem_comp_atom.pdbx_aromatic_flag 
_chem_comp_atom.pdbx_stereo_config 
_chem_comp_atom.pdbx_ordinal 
ALA N    N  N N 1   
ALA CA   C  N S 2   
ALA C    C  N N 3   
ALA O    O  N N 4   
ALA CB   C  N N 5   
ALA OXT  O  N N 6   
ALA H    H  N N 7   
ALA H2   H  N N 8   
ALA HA   H  N N 9   
ALA HB1  H  N N 10  
ALA HB2  H  N N 11  
ALA HB3  H  N N 12  
ALA HXT  H  N N 13  
ARG N    N  N N 14  
ARG CA   C  N S 15  
ARG C    C  N N 16  
ARG O    O  N N 17  
ARG CB   C  N N 18  
ARG CG   C  N N 19  
ARG CD   C  N N 20  
ARG NE   N  N N 21  
ARG CZ   C  N N 22  
ARG NH1  N  N N 23  
ARG NH2  N  N N 24  
ARG OXT  O  N N 25  
ARG H    H  N N 26  
ARG H2   H  N N 27  
ARG HA   H  N N 28  
ARG HB2  H  N N 29  
ARG HB3  H  N N 30  
ARG HG2  H  N N 31  
ARG HG3  H  N N 32  
ARG HD2  H  N N 33  
ARG HD3  H  N N 34  
ARG HE   H  N N 35  
ARG HH11 H  N N 36  
ARG HH12 H  N N 37  
ARG HH21 H  N N 38  
ARG HH22 H  N N 39  
ARG HXT  H  N N 40  
ASN N    N  N N 41  
ASN CA   C  N S 42  
ASN C    C  N N 43  
ASN O    O  N N 44  
ASN CB   C  N N 45  
ASN CG   C  N N 46  
ASN OD1  O  N N 47  
ASN ND2  N  N N 48  
ASN OXT  O  N N 49  
ASN H    H  N N 50  
ASN H2   H  N N 51  
ASN HA   H  N N 52  
ASN HB2  H  N N 53  
ASN HB3  H  N N 54  
ASN HD21 H  N N 55  
ASN HD22 H  N N 56  
ASN HXT  H  N N 57  
ASP N    N  N N 58  
ASP CA   C  N S 59  
ASP C    C  N N 60  
ASP O    O  N N 61  
ASP CB   C  N N 62  
ASP CG   C  N N 63  
ASP OD1  O  N N 64  
ASP OD2  O  N N 65  
ASP OXT  O  N N 66  
ASP H    H  N N 67  
ASP H2   H  N N 68  
ASP HA   H  N N 69  
ASP HB2  H  N N 70  
ASP HB3  H  N N 71  
ASP HD2  H  N N 72  
ASP HXT  H  N N 73  
CA  CA   CA N N 74  
CYS N    N  N N 75  
CYS CA   C  N R 76  
CYS C    C  N N 77  
CYS O    O  N N 78  
CYS CB   C  N N 79  
CYS SG   S  N N 80  
CYS OXT  O  N N 81  
CYS H    H  N N 82  
CYS H2   H  N N 83  
CYS HA   H  N N 84  
CYS HB2  H  N N 85  
CYS HB3  H  N N 86  
CYS HG   H  N N 87  
CYS HXT  H  N N 88  
GLN N    N  N N 89  
GLN CA   C  N S 90  
GLN C    C  N N 91  
GLN O    O  N N 92  
GLN CB   C  N N 93  
GLN CG   C  N N 94  
GLN CD   C  N N 95  
GLN OE1  O  N N 96  
GLN NE2  N  N N 97  
GLN OXT  O  N N 98  
GLN H    H  N N 99  
GLN H2   H  N N 100 
GLN HA   H  N N 101 
GLN HB2  H  N N 102 
GLN HB3  H  N N 103 
GLN HG2  H  N N 104 
GLN HG3  H  N N 105 
GLN HE21 H  N N 106 
GLN HE22 H  N N 107 
GLN HXT  H  N N 108 
GLU N    N  N N 109 
GLU CA   C  N S 110 
GLU C    C  N N 111 
GLU O    O  N N 112 
GLU CB   C  N N 113 
GLU CG   C  N N 114 
GLU CD   C  N N 115 
GLU OE1  O  N N 116 
GLU OE2  O  N N 117 
GLU OXT  O  N N 118 
GLU H    H  N N 119 
GLU H2   H  N N 120 
GLU HA   H  N N 121 
GLU HB2  H  N N 122 
GLU HB3  H  N N 123 
GLU HG2  H  N N 124 
GLU HG3  H  N N 125 
GLU HE2  H  N N 126 
GLU HXT  H  N N 127 
GLY N    N  N N 128 
GLY CA   C  N N 129 
GLY C    C  N N 130 
GLY O    O  N N 131 
GLY OXT  O  N N 132 
GLY H    H  N N 133 
GLY H2   H  N N 134 
GLY HA2  H  N N 135 
GLY HA3  H  N N 136 
GLY HXT  H  N N 137 
HIS N    N  N N 138 
HIS CA   C  N S 139 
HIS C    C  N N 140 
HIS O    O  N N 141 
HIS CB   C  N N 142 
HIS CG   C  Y N 143 
HIS ND1  N  Y N 144 
HIS CD2  C  Y N 145 
HIS CE1  C  Y N 146 
HIS NE2  N  Y N 147 
HIS OXT  O  N N 148 
HIS H    H  N N 149 
HIS H2   H  N N 150 
HIS HA   H  N N 151 
HIS HB2  H  N N 152 
HIS HB3  H  N N 153 
HIS HD1  H  N N 154 
HIS HD2  H  N N 155 
HIS HE1  H  N N 156 
HIS HE2  H  N N 157 
HIS HXT  H  N N 158 
HOH O    O  N N 159 
HOH H1   H  N N 160 
HOH H2   H  N N 161 
LEU N    N  N N 162 
LEU CA   C  N S 163 
LEU C    C  N N 164 
LEU O    O  N N 165 
LEU CB   C  N N 166 
LEU CG   C  N N 167 
LEU CD1  C  N N 168 
LEU CD2  C  N N 169 
LEU OXT  O  N N 170 
LEU H    H  N N 171 
LEU H2   H  N N 172 
LEU HA   H  N N 173 
LEU HB2  H  N N 174 
LEU HB3  H  N N 175 
LEU HG   H  N N 176 
LEU HD11 H  N N 177 
LEU HD12 H  N N 178 
LEU HD13 H  N N 179 
LEU HD21 H  N N 180 
LEU HD22 H  N N 181 
LEU HD23 H  N N 182 
LEU HXT  H  N N 183 
LYS N    N  N N 184 
LYS CA   C  N S 185 
LYS C    C  N N 186 
LYS O    O  N N 187 
LYS CB   C  N N 188 
LYS CG   C  N N 189 
LYS CD   C  N N 190 
LYS CE   C  N N 191 
LYS NZ   N  N N 192 
LYS OXT  O  N N 193 
LYS H    H  N N 194 
LYS H2   H  N N 195 
LYS HA   H  N N 196 
LYS HB2  H  N N 197 
LYS HB3  H  N N 198 
LYS HG2  H  N N 199 
LYS HG3  H  N N 200 
LYS HD2  H  N N 201 
LYS HD3  H  N N 202 
LYS HE2  H  N N 203 
LYS HE3  H  N N 204 
LYS HZ1  H  N N 205 
LYS HZ2  H  N N 206 
LYS HZ3  H  N N 207 
LYS HXT  H  N N 208 
MET N    N  N N 209 
MET CA   C  N S 210 
MET C    C  N N 211 
MET O    O  N N 212 
MET CB   C  N N 213 
MET CG   C  N N 214 
MET SD   S  N N 215 
MET CE   C  N N 216 
MET OXT  O  N N 217 
MET H    H  N N 218 
MET H2   H  N N 219 
MET HA   H  N N 220 
MET HB2  H  N N 221 
MET HB3  H  N N 222 
MET HG2  H  N N 223 
MET HG3  H  N N 224 
MET HE1  H  N N 225 
MET HE2  H  N N 226 
MET HE3  H  N N 227 
MET HXT  H  N N 228 
PHE N    N  N N 229 
PHE CA   C  N S 230 
PHE C    C  N N 231 
PHE O    O  N N 232 
PHE CB   C  N N 233 
PHE CG   C  Y N 234 
PHE CD1  C  Y N 235 
PHE CD2  C  Y N 236 
PHE CE1  C  Y N 237 
PHE CE2  C  Y N 238 
PHE CZ   C  Y N 239 
PHE OXT  O  N N 240 
PHE H    H  N N 241 
PHE H2   H  N N 242 
PHE HA   H  N N 243 
PHE HB2  H  N N 244 
PHE HB3  H  N N 245 
PHE HD1  H  N N 246 
PHE HD2  H  N N 247 
PHE HE1  H  N N 248 
PHE HE2  H  N N 249 
PHE HZ   H  N N 250 
PHE HXT  H  N N 251 
PRO N    N  N N 252 
PRO CA   C  N S 253 
PRO C    C  N N 254 
PRO O    O  N N 255 
PRO CB   C  N N 256 
PRO CG   C  N N 257 
PRO CD   C  N N 258 
PRO OXT  O  N N 259 
PRO H    H  N N 260 
PRO HA   H  N N 261 
PRO HB2  H  N N 262 
PRO HB3  H  N N 263 
PRO HG2  H  N N 264 
PRO HG3  H  N N 265 
PRO HD2  H  N N 266 
PRO HD3  H  N N 267 
PRO HXT  H  N N 268 
SER N    N  N N 269 
SER CA   C  N S 270 
SER C    C  N N 271 
SER O    O  N N 272 
SER CB   C  N N 273 
SER OG   O  N N 274 
SER OXT  O  N N 275 
SER H    H  N N 276 
SER H2   H  N N 277 
SER HA   H  N N 278 
SER HB2  H  N N 279 
SER HB3  H  N N 280 
SER HG   H  N N 281 
SER HXT  H  N N 282 
THR N    N  N N 283 
THR CA   C  N S 284 
THR C    C  N N 285 
THR O    O  N N 286 
THR CB   C  N R 287 
THR OG1  O  N N 288 
THR CG2  C  N N 289 
THR OXT  O  N N 290 
THR H    H  N N 291 
THR H2   H  N N 292 
THR HA   H  N N 293 
THR HB   H  N N 294 
THR HG1  H  N N 295 
THR HG21 H  N N 296 
THR HG22 H  N N 297 
THR HG23 H  N N 298 
THR HXT  H  N N 299 
TRP N    N  N N 300 
TRP CA   C  N S 301 
TRP C    C  N N 302 
TRP O    O  N N 303 
TRP CB   C  N N 304 
TRP CG   C  Y N 305 
TRP CD1  C  Y N 306 
TRP CD2  C  Y N 307 
TRP NE1  N  Y N 308 
TRP CE2  C  Y N 309 
TRP CE3  C  Y N 310 
TRP CZ2  C  Y N 311 
TRP CZ3  C  Y N 312 
TRP CH2  C  Y N 313 
TRP OXT  O  N N 314 
TRP H    H  N N 315 
TRP H2   H  N N 316 
TRP HA   H  N N 317 
TRP HB2  H  N N 318 
TRP HB3  H  N N 319 
TRP HD1  H  N N 320 
TRP HE1  H  N N 321 
TRP HE3  H  N N 322 
TRP HZ2  H  N N 323 
TRP HZ3  H  N N 324 
TRP HH2  H  N N 325 
TRP HXT  H  N N 326 
TYR N    N  N N 327 
TYR CA   C  N S 328 
TYR C    C  N N 329 
TYR O    O  N N 330 
TYR CB   C  N N 331 
TYR CG   C  Y N 332 
TYR CD1  C  Y N 333 
TYR CD2  C  Y N 334 
TYR CE1  C  Y N 335 
TYR CE2  C  Y N 336 
TYR CZ   C  Y N 337 
TYR OH   O  N N 338 
TYR OXT  O  N N 339 
TYR H    H  N N 340 
TYR H2   H  N N 341 
TYR HA   H  N N 342 
TYR HB2  H  N N 343 
TYR HB3  H  N N 344 
TYR HD1  H  N N 345 
TYR HD2  H  N N 346 
TYR HE1  H  N N 347 
TYR HE2  H  N N 348 
TYR HH   H  N N 349 
TYR HXT  H  N N 350 
# 
loop_
_chem_comp_bond.comp_id 
_chem_comp_bond.atom_id_1 
_chem_comp_bond.atom_id_2 
_chem_comp_bond.value_order 
_chem_comp_bond.pdbx_aromatic_flag 
_chem_comp_bond.pdbx_stereo_config 
_chem_comp_bond.pdbx_ordinal 
ALA N   CA   sing N N 1   
ALA N   H    sing N N 2   
ALA N   H2   sing N N 3   
ALA CA  C    sing N N 4   
ALA CA  CB   sing N N 5   
ALA CA  HA   sing N N 6   
ALA C   O    doub N N 7   
ALA C   OXT  sing N N 8   
ALA CB  HB1  sing N N 9   
ALA CB  HB2  sing N N 10  
ALA CB  HB3  sing N N 11  
ALA OXT HXT  sing N N 12  
ARG N   CA   sing N N 13  
ARG N   H    sing N N 14  
ARG N   H2   sing N N 15  
ARG CA  C    sing N N 16  
ARG CA  CB   sing N N 17  
ARG CA  HA   sing N N 18  
ARG C   O    doub N N 19  
ARG C   OXT  sing N N 20  
ARG CB  CG   sing N N 21  
ARG CB  HB2  sing N N 22  
ARG CB  HB3  sing N N 23  
ARG CG  CD   sing N N 24  
ARG CG  HG2  sing N N 25  
ARG CG  HG3  sing N N 26  
ARG CD  NE   sing N N 27  
ARG CD  HD2  sing N N 28  
ARG CD  HD3  sing N N 29  
ARG NE  CZ   sing N N 30  
ARG NE  HE   sing N N 31  
ARG CZ  NH1  sing N N 32  
ARG CZ  NH2  doub N N 33  
ARG NH1 HH11 sing N N 34  
ARG NH1 HH12 sing N N 35  
ARG NH2 HH21 sing N N 36  
ARG NH2 HH22 sing N N 37  
ARG OXT HXT  sing N N 38  
ASN N   CA   sing N N 39  
ASN N   H    sing N N 40  
ASN N   H2   sing N N 41  
ASN CA  C    sing N N 42  
ASN CA  CB   sing N N 43  
ASN CA  HA   sing N N 44  
ASN C   O    doub N N 45  
ASN C   OXT  sing N N 46  
ASN CB  CG   sing N N 47  
ASN CB  HB2  sing N N 48  
ASN CB  HB3  sing N N 49  
ASN CG  OD1  doub N N 50  
ASN CG  ND2  sing N N 51  
ASN ND2 HD21 sing N N 52  
ASN ND2 HD22 sing N N 53  
ASN OXT HXT  sing N N 54  
ASP N   CA   sing N N 55  
ASP N   H    sing N N 56  
ASP N   H2   sing N N 57  
ASP CA  C    sing N N 58  
ASP CA  CB   sing N N 59  
ASP CA  HA   sing N N 60  
ASP C   O    doub N N 61  
ASP C   OXT  sing N N 62  
ASP CB  CG   sing N N 63  
ASP CB  HB2  sing N N 64  
ASP CB  HB3  sing N N 65  
ASP CG  OD1  doub N N 66  
ASP CG  OD2  sing N N 67  
ASP OD2 HD2  sing N N 68  
ASP OXT HXT  sing N N 69  
CYS N   CA   sing N N 70  
CYS N   H    sing N N 71  
CYS N   H2   sing N N 72  
CYS CA  C    sing N N 73  
CYS CA  CB   sing N N 74  
CYS CA  HA   sing N N 75  
CYS C   O    doub N N 76  
CYS C   OXT  sing N N 77  
CYS CB  SG   sing N N 78  
CYS CB  HB2  sing N N 79  
CYS CB  HB3  sing N N 80  
CYS SG  HG   sing N N 81  
CYS OXT HXT  sing N N 82  
GLN N   CA   sing N N 83  
GLN N   H    sing N N 84  
GLN N   H2   sing N N 85  
GLN CA  C    sing N N 86  
GLN CA  CB   sing N N 87  
GLN CA  HA   sing N N 88  
GLN C   O    doub N N 89  
GLN C   OXT  sing N N 90  
GLN CB  CG   sing N N 91  
GLN CB  HB2  sing N N 92  
GLN CB  HB3  sing N N 93  
GLN CG  CD   sing N N 94  
GLN CG  HG2  sing N N 95  
GLN CG  HG3  sing N N 96  
GLN CD  OE1  doub N N 97  
GLN CD  NE2  sing N N 98  
GLN NE2 HE21 sing N N 99  
GLN NE2 HE22 sing N N 100 
GLN OXT HXT  sing N N 101 
GLU N   CA   sing N N 102 
GLU N   H    sing N N 103 
GLU N   H2   sing N N 104 
GLU CA  C    sing N N 105 
GLU CA  CB   sing N N 106 
GLU CA  HA   sing N N 107 
GLU C   O    doub N N 108 
GLU C   OXT  sing N N 109 
GLU CB  CG   sing N N 110 
GLU CB  HB2  sing N N 111 
GLU CB  HB3  sing N N 112 
GLU CG  CD   sing N N 113 
GLU CG  HG2  sing N N 114 
GLU CG  HG3  sing N N 115 
GLU CD  OE1  doub N N 116 
GLU CD  OE2  sing N N 117 
GLU OE2 HE2  sing N N 118 
GLU OXT HXT  sing N N 119 
GLY N   CA   sing N N 120 
GLY N   H    sing N N 121 
GLY N   H2   sing N N 122 
GLY CA  C    sing N N 123 
GLY CA  HA2  sing N N 124 
GLY CA  HA3  sing N N 125 
GLY C   O    doub N N 126 
GLY C   OXT  sing N N 127 
GLY OXT HXT  sing N N 128 
HIS N   CA   sing N N 129 
HIS N   H    sing N N 130 
HIS N   H2   sing N N 131 
HIS CA  C    sing N N 132 
HIS CA  CB   sing N N 133 
HIS CA  HA   sing N N 134 
HIS C   O    doub N N 135 
HIS C   OXT  sing N N 136 
HIS CB  CG   sing N N 137 
HIS CB  HB2  sing N N 138 
HIS CB  HB3  sing N N 139 
HIS CG  ND1  sing Y N 140 
HIS CG  CD2  doub Y N 141 
HIS ND1 CE1  doub Y N 142 
HIS ND1 HD1  sing N N 143 
HIS CD2 NE2  sing Y N 144 
HIS CD2 HD2  sing N N 145 
HIS CE1 NE2  sing Y N 146 
HIS CE1 HE1  sing N N 147 
HIS NE2 HE2  sing N N 148 
HIS OXT HXT  sing N N 149 
HOH O   H1   sing N N 150 
HOH O   H2   sing N N 151 
LEU N   CA   sing N N 152 
LEU N   H    sing N N 153 
LEU N   H2   sing N N 154 
LEU CA  C    sing N N 155 
LEU CA  CB   sing N N 156 
LEU CA  HA   sing N N 157 
LEU C   O    doub N N 158 
LEU C   OXT  sing N N 159 
LEU CB  CG   sing N N 160 
LEU CB  HB2  sing N N 161 
LEU CB  HB3  sing N N 162 
LEU CG  CD1  sing N N 163 
LEU CG  CD2  sing N N 164 
LEU CG  HG   sing N N 165 
LEU CD1 HD11 sing N N 166 
LEU CD1 HD12 sing N N 167 
LEU CD1 HD13 sing N N 168 
LEU CD2 HD21 sing N N 169 
LEU CD2 HD22 sing N N 170 
LEU CD2 HD23 sing N N 171 
LEU OXT HXT  sing N N 172 
LYS N   CA   sing N N 173 
LYS N   H    sing N N 174 
LYS N   H2   sing N N 175 
LYS CA  C    sing N N 176 
LYS CA  CB   sing N N 177 
LYS CA  HA   sing N N 178 
LYS C   O    doub N N 179 
LYS C   OXT  sing N N 180 
LYS CB  CG   sing N N 181 
LYS CB  HB2  sing N N 182 
LYS CB  HB3  sing N N 183 
LYS CG  CD   sing N N 184 
LYS CG  HG2  sing N N 185 
LYS CG  HG3  sing N N 186 
LYS CD  CE   sing N N 187 
LYS CD  HD2  sing N N 188 
LYS CD  HD3  sing N N 189 
LYS CE  NZ   sing N N 190 
LYS CE  HE2  sing N N 191 
LYS CE  HE3  sing N N 192 
LYS NZ  HZ1  sing N N 193 
LYS NZ  HZ2  sing N N 194 
LYS NZ  HZ3  sing N N 195 
LYS OXT HXT  sing N N 196 
MET N   CA   sing N N 197 
MET N   H    sing N N 198 
MET N   H2   sing N N 199 
MET CA  C    sing N N 200 
MET CA  CB   sing N N 201 
MET CA  HA   sing N N 202 
MET C   O    doub N N 203 
MET C   OXT  sing N N 204 
MET CB  CG   sing N N 205 
MET CB  HB2  sing N N 206 
MET CB  HB3  sing N N 207 
MET CG  SD   sing N N 208 
MET CG  HG2  sing N N 209 
MET CG  HG3  sing N N 210 
MET SD  CE   sing N N 211 
MET CE  HE1  sing N N 212 
MET CE  HE2  sing N N 213 
MET CE  HE3  sing N N 214 
MET OXT HXT  sing N N 215 
PHE N   CA   sing N N 216 
PHE N   H    sing N N 217 
PHE N   H2   sing N N 218 
PHE CA  C    sing N N 219 
PHE CA  CB   sing N N 220 
PHE CA  HA   sing N N 221 
PHE C   O    doub N N 222 
PHE C   OXT  sing N N 223 
PHE CB  CG   sing N N 224 
PHE CB  HB2  sing N N 225 
PHE CB  HB3  sing N N 226 
PHE CG  CD1  doub Y N 227 
PHE CG  CD2  sing Y N 228 
PHE CD1 CE1  sing Y N 229 
PHE CD1 HD1  sing N N 230 
PHE CD2 CE2  doub Y N 231 
PHE CD2 HD2  sing N N 232 
PHE CE1 CZ   doub Y N 233 
PHE CE1 HE1  sing N N 234 
PHE CE2 CZ   sing Y N 235 
PHE CE2 HE2  sing N N 236 
PHE CZ  HZ   sing N N 237 
PHE OXT HXT  sing N N 238 
PRO N   CA   sing N N 239 
PRO N   CD   sing N N 240 
PRO N   H    sing N N 241 
PRO CA  C    sing N N 242 
PRO CA  CB   sing N N 243 
PRO CA  HA   sing N N 244 
PRO C   O    doub N N 245 
PRO C   OXT  sing N N 246 
PRO CB  CG   sing N N 247 
PRO CB  HB2  sing N N 248 
PRO CB  HB3  sing N N 249 
PRO CG  CD   sing N N 250 
PRO CG  HG2  sing N N 251 
PRO CG  HG3  sing N N 252 
PRO CD  HD2  sing N N 253 
PRO CD  HD3  sing N N 254 
PRO OXT HXT  sing N N 255 
SER N   CA   sing N N 256 
SER N   H    sing N N 257 
SER N   H2   sing N N 258 
SER CA  C    sing N N 259 
SER CA  CB   sing N N 260 
SER CA  HA   sing N N 261 
SER C   O    doub N N 262 
SER C   OXT  sing N N 263 
SER CB  OG   sing N N 264 
SER CB  HB2  sing N N 265 
SER CB  HB3  sing N N 266 
SER OG  HG   sing N N 267 
SER OXT HXT  sing N N 268 
THR N   CA   sing N N 269 
THR N   H    sing N N 270 
THR N   H2   sing N N 271 
THR CA  C    sing N N 272 
THR CA  CB   sing N N 273 
THR CA  HA   sing N N 274 
THR C   O    doub N N 275 
THR C   OXT  sing N N 276 
THR CB  OG1  sing N N 277 
THR CB  CG2  sing N N 278 
THR CB  HB   sing N N 279 
THR OG1 HG1  sing N N 280 
THR CG2 HG21 sing N N 281 
THR CG2 HG22 sing N N 282 
THR CG2 HG23 sing N N 283 
THR OXT HXT  sing N N 284 
TRP N   CA   sing N N 285 
TRP N   H    sing N N 286 
TRP N   H2   sing N N 287 
TRP CA  C    sing N N 288 
TRP CA  CB   sing N N 289 
TRP CA  HA   sing N N 290 
TRP C   O    doub N N 291 
TRP C   OXT  sing N N 292 
TRP CB  CG   sing N N 293 
TRP CB  HB2  sing N N 294 
TRP CB  HB3  sing N N 295 
TRP CG  CD1  doub Y N 296 
TRP CG  CD2  sing Y N 297 
TRP CD1 NE1  sing Y N 298 
TRP CD1 HD1  sing N N 299 
TRP CD2 CE2  doub Y N 300 
TRP CD2 CE3  sing Y N 301 
TRP NE1 CE2  sing Y N 302 
TRP NE1 HE1  sing N N 303 
TRP CE2 CZ2  sing Y N 304 
TRP CE3 CZ3  doub Y N 305 
TRP CE3 HE3  sing N N 306 
TRP CZ2 CH2  doub Y N 307 
TRP CZ2 HZ2  sing N N 308 
TRP CZ3 CH2  sing Y N 309 
TRP CZ3 HZ3  sing N N 310 
TRP CH2 HH2  sing N N 311 
TRP OXT HXT  sing N N 312 
TYR N   CA   sing N N 313 
TYR N   H    sing N N 314 
TYR N   H2   sing N N 315 
TYR CA  C    sing N N 316 
TYR CA  CB   sing N N 317 
TYR CA  HA   sing N N 318 
TYR C   O    doub N N 319 
TYR C   OXT  sing N N 320 
TYR CB  CG   sing N N 321 
TYR CB  HB2  sing N N 322 
TYR CB  HB3  sing N N 323 
TYR CG  CD1  doub Y N 324 
TYR CG  CD2  sing Y N 325 
TYR CD1 CE1  sing Y N 326 
TYR CD1 HD1  sing N N 327 
TYR CD2 CE2  doub Y N 328 
TYR CD2 HD2  sing N N 329 
TYR CE1 CZ   doub Y N 330 
TYR CE1 HE1  sing N N 331 
TYR CE2 CZ   sing Y N 332 
TYR CE2 HE2  sing N N 333 
TYR CZ  OH   sing N N 334 
TYR OH  HH   sing N N 335 
TYR OXT HXT  sing N N 336 
# 
_atom_sites.entry_id                    1UHA 
_atom_sites.fract_transf_matrix[1][1]   0.04343121 
_atom_sites.fract_transf_matrix[1][2]   -0.01162148 
_atom_sites.fract_transf_matrix[1][3]   -0.00756576 
_atom_sites.fract_transf_matrix[2][1]   -0.00307420 
_atom_sites.fract_transf_matrix[2][2]   -0.00023519 
_atom_sites.fract_transf_matrix[2][3]   -0.01728619 
_atom_sites.fract_transf_matrix[3][1]   0.01965999 
_atom_sites.fract_transf_matrix[3][2]   0.02962842 
_atom_sites.fract_transf_matrix[3][3]   -0.00389947 
_atom_sites.fract_transf_vector[1]      0.488242 
_atom_sites.fract_transf_vector[2]      0.115387 
_atom_sites.fract_transf_vector[3]      0.513751 
# 
loop_
_atom_type.symbol 
C  
CA 
N  
O  
S  
# 
loop_
_atom_site.group_PDB 
_atom_site.id 
_atom_site.type_symbol 
_atom_site.label_atom_id 
_atom_site.label_alt_id 
_atom_site.label_comp_id 
_atom_site.label_asym_id 
_atom_site.label_entity_id 
_atom_site.label_seq_id 
_atom_site.pdbx_PDB_ins_code 
_atom_site.Cartn_x 
_atom_site.Cartn_y 
_atom_site.Cartn_z 
_atom_site.occupancy 
_atom_site.B_iso_or_equiv 
_atom_site.pdbx_formal_charge 
_atom_site.auth_seq_id 
_atom_site.auth_comp_id 
_atom_site.auth_asym_id 
_atom_site.auth_atom_id 
_atom_site.pdbx_PDB_model_num 
ATOM   1   N  N   . ALA A 1 1  ? 2.462   15.026  -16.682 1.00 29.04 ? 1   ALA A N   1 
ATOM   2   C  CA  . ALA A 1 1  ? 3.697   15.488  -15.992 1.00 28.70 ? 1   ALA A CA  1 
ATOM   3   C  C   . ALA A 1 1  ? 3.900   14.705  -14.698 1.00 28.22 ? 1   ALA A C   1 
ATOM   4   O  O   . ALA A 1 1  ? 2.983   14.592  -13.882 1.00 29.14 ? 1   ALA A O   1 
ATOM   5   C  CB  . ALA A 1 1  ? 3.588   16.980  -15.692 1.00 27.93 ? 1   ALA A CB  1 
ATOM   6   N  N   . PRO A 1 2  ? 5.108   14.152  -14.498 1.00 28.44 ? 2   PRO A N   1 
ATOM   7   C  CA  . PRO A 1 2  ? 5.418   13.379  -13.291 1.00 26.75 ? 2   PRO A CA  1 
ATOM   8   C  C   . PRO A 1 2  ? 4.875   14.059  -12.041 1.00 25.88 ? 2   PRO A C   1 
ATOM   9   O  O   . PRO A 1 2  ? 4.998   15.272  -11.883 1.00 26.75 ? 2   PRO A O   1 
ATOM   10  C  CB  . PRO A 1 2  ? 6.939   13.315  -13.312 1.00 26.84 ? 2   PRO A CB  1 
ATOM   11  C  CG  . PRO A 1 2  ? 7.232   13.244  -14.792 1.00 28.12 ? 2   PRO A CG  1 
ATOM   12  C  CD  . PRO A 1 2  ? 6.302   14.298  -15.352 1.00 28.80 ? 2   PRO A CD  1 
ATOM   13  N  N   . GLU A 1 3  ? 4.270   13.274  -11.157 1.00 23.90 ? 3   GLU A N   1 
ATOM   14  C  CA  . GLU A 1 3  ? 3.690   13.822  -9.938  1.00 21.91 ? 3   GLU A CA  1 
ATOM   15  C  C   . GLU A 1 3  ? 4.350   13.318  -8.663  1.00 18.99 ? 3   GLU A C   1 
ATOM   16  O  O   . GLU A 1 3  ? 4.029   13.785  -7.571  1.00 18.72 ? 3   GLU A O   1 
ATOM   17  C  CB  . GLU A 1 3  ? 2.201   13.495  -9.897  1.00 24.23 ? 3   GLU A CB  1 
ATOM   18  C  CG  . GLU A 1 3  ? 1.919   12.014  -10.032 1.00 24.05 ? 3   GLU A CG  1 
ATOM   19  C  CD  . GLU A 1 3  ? 0.451   11.716  -10.244 1.00 26.64 ? 3   GLU A CD  1 
ATOM   20  O  OE1 . GLU A 1 3  ? 0.113   10.529  -10.425 1.00 21.50 ? 3   GLU A OE1 1 
ATOM   21  O  OE2 . GLU A 1 3  ? -0.362  12.665  -10.229 1.00 29.87 ? 3   GLU A OE2 1 
ATOM   22  N  N   . CYS A 1 4  ? 5.263   12.362  -8.793  1.00 15.31 ? 4   CYS A N   1 
ATOM   23  C  CA  . CYS A 1 4  ? 5.937   11.818  -7.624  1.00 13.23 ? 4   CYS A CA  1 
ATOM   24  C  C   . CYS A 1 4  ? 7.324   11.292  -7.968  1.00 12.87 ? 4   CYS A C   1 
ATOM   25  O  O   . CYS A 1 4  ? 7.659   11.093  -9.137  1.00 12.90 ? 4   CYS A O   1 
ATOM   26  C  CB  . CYS A 1 4  ? 5.110   10.677  -7.021  1.00 11.69 ? 4   CYS A CB  1 
ATOM   27  S  SG  . CYS A 1 4  ? 4.913   9.239   -8.129  1.00 11.42 ? 4   CYS A SG  1 
ATOM   28  N  N   . GLY A 1 5  ? 8.133   11.077  -6.938  1.00 13.30 ? 5   GLY A N   1 
ATOM   29  C  CA  . GLY A 1 5  ? 9.461   10.534  -7.148  1.00 14.42 ? 5   GLY A CA  1 
ATOM   30  C  C   . GLY A 1 5  ? 10.582  11.516  -7.424  1.00 15.89 ? 5   GLY A C   1 
ATOM   31  O  O   . GLY A 1 5  ? 10.435  12.729  -7.244  1.00 14.65 ? 5   GLY A O   1 
ATOM   32  N  N   . GLU A 1 6  ? 11.707  10.972  -7.877  1.00 16.97 ? 6   GLU A N   1 
ATOM   33  C  CA  . GLU A 1 6  ? 12.894  11.757  -8.181  1.00 20.36 ? 6   GLU A CA  1 
ATOM   34  C  C   . GLU A 1 6  ? 12.657  12.835  -9.228  1.00 22.08 ? 6   GLU A C   1 
ATOM   35  O  O   . GLU A 1 6  ? 13.380  13.828  -9.270  1.00 24.31 ? 6   GLU A O   1 
ATOM   36  C  CB  . GLU A 1 6  ? 14.024  10.833  -8.635  1.00 22.74 ? 6   GLU A CB  1 
ATOM   37  C  CG  . GLU A 1 6  ? 13.657  9.899   -9.774  1.00 25.26 ? 6   GLU A CG  1 
ATOM   38  C  CD  . GLU A 1 6  ? 14.798  8.980   -10.178 1.00 28.50 ? 6   GLU A CD  1 
ATOM   39  O  OE1 . GLU A 1 6  ? 14.586  8.109   -11.051 1.00 31.06 ? 6   GLU A OE1 1 
ATOM   40  O  OE2 . GLU A 1 6  ? 15.907  9.128   -9.624  1.00 30.60 ? 6   GLU A OE2 1 
ATOM   41  N  N   . ARG A 1 7  ? 11.653  12.640  -10.076 1.00 21.38 ? 7   ARG A N   1 
ATOM   42  C  CA  . ARG A 1 7  ? 11.342  13.620  -11.108 1.00 23.72 ? 7   ARG A CA  1 
ATOM   43  C  C   . ARG A 1 7  ? 10.336  14.657  -10.650 1.00 23.50 ? 7   ARG A C   1 
ATOM   44  O  O   . ARG A 1 7  ? 9.973   15.553  -11.406 1.00 24.71 ? 7   ARG A O   1 
ATOM   45  C  CB  . ARG A 1 7  ? 10.832  12.922  -12.368 1.00 25.02 ? 7   ARG A CB  1 
ATOM   46  C  CG  . ARG A 1 7  ? 11.946  12.255  -13.135 1.00 26.96 ? 7   ARG A CG  1 
ATOM   47  C  CD  . ARG A 1 7  ? 13.043  13.272  -13.452 1.00 29.27 ? 7   ARG A CD  1 
ATOM   48  N  NE  . ARG A 1 7  ? 14.097  12.756  -14.322 1.00 30.48 ? 7   ARG A NE  1 
ATOM   49  C  CZ  . ARG A 1 7  ? 13.873  12.274  -15.536 1.00 31.28 ? 7   ARG A CZ  1 
ATOM   50  N  NH1 . ARG A 1 7  ? 12.636  12.241  -16.002 1.00 32.48 ? 7   ARG A NH1 1 
ATOM   51  N  NH2 . ARG A 1 7  ? 14.874  11.844  -16.291 1.00 32.63 ? 7   ARG A NH2 1 
ATOM   52  N  N   . ALA A 1 8  ? 9.884   14.521  -9.409  1.00 22.85 ? 8   ALA A N   1 
ATOM   53  C  CA  . ALA A 1 8  ? 8.928   15.448  -8.822  1.00 22.05 ? 8   ALA A CA  1 
ATOM   54  C  C   . ALA A 1 8  ? 9.479   15.986  -7.506  1.00 21.16 ? 8   ALA A C   1 
ATOM   55  O  O   . ALA A 1 8  ? 8.741   16.200  -6.548  1.00 20.58 ? 8   ALA A O   1 
ATOM   56  C  CB  . ALA A 1 8  ? 7.596   14.752  -8.587  1.00 23.14 ? 8   ALA A CB  1 
ATOM   57  N  N   . SER A 1 9  ? 10.792  16.187  -7.471  1.00 20.45 ? 9   SER A N   1 
ATOM   58  C  CA  . SER A 1 9  ? 11.471  16.717  -6.293  1.00 19.90 ? 9   SER A CA  1 
ATOM   59  C  C   . SER A 1 9  ? 11.291  15.883  -5.024  1.00 18.75 ? 9   SER A C   1 
ATOM   60  O  O   . SER A 1 9  ? 11.418  16.402  -3.913  1.00 20.88 ? 9   SER A O   1 
ATOM   61  C  CB  . SER A 1 9  ? 11.008  18.153  -6.028  1.00 21.83 ? 9   SER A CB  1 
ATOM   62  O  OG  . SER A 1 9  ? 11.263  18.982  -7.149  1.00 26.23 ? 9   SER A OG  1 
ATOM   63  N  N   . GLY A 1 10 ? 10.992  14.596  -5.182  1.00 16.28 ? 10  GLY A N   1 
ATOM   64  C  CA  . GLY A 1 10 ? 10.828  13.737  -4.023  1.00 15.50 ? 10  GLY A CA  1 
ATOM   65  C  C   . GLY A 1 10 ? 9.428   13.679  -3.440  1.00 15.36 ? 10  GLY A C   1 
ATOM   66  O  O   . GLY A 1 10 ? 9.226   13.115  -2.360  1.00 16.22 ? 10  GLY A O   1 
ATOM   67  N  N   . LYS A 1 11 ? 8.461   14.265  -4.137  1.00 13.86 ? 11  LYS A N   1 
ATOM   68  C  CA  . LYS A 1 11 ? 7.081   14.247  -3.666  1.00 14.39 ? 11  LYS A CA  1 
ATOM   69  C  C   . LYS A 1 11 ? 6.575   12.816  -3.546  1.00 14.51 ? 11  LYS A C   1 
ATOM   70  O  O   . LYS A 1 11 ? 6.872   11.969  -4.387  1.00 14.11 ? 11  LYS A O   1 
ATOM   71  C  CB  . LYS A 1 11 ? 6.163   14.994  -4.632  1.00 16.58 ? 11  LYS A CB  1 
ATOM   72  C  CG  . LYS A 1 11 ? 6.291   16.502  -4.618  1.00 20.70 ? 11  LYS A CG  1 
ATOM   73  C  CD  . LYS A 1 11 ? 5.223   17.117  -5.510  1.00 22.55 ? 11  LYS A CD  1 
ATOM   74  C  CE  . LYS A 1 11 ? 5.251   18.633  -5.470  1.00 24.90 ? 11  LYS A CE  1 
ATOM   75  N  NZ  . LYS A 1 11 ? 4.175   19.211  -6.320  1.00 27.26 ? 11  LYS A NZ  1 
ATOM   76  N  N   . ARG A 1 12 ? 5.807   12.557  -2.494  1.00 15.08 ? 12  ARG A N   1 
ATOM   77  C  CA  . ARG A 1 12 ? 5.227   11.240  -2.276  1.00 15.65 ? 12  ARG A CA  1 
ATOM   78  C  C   . ARG A 1 12 ? 3.761   11.301  -2.681  1.00 15.95 ? 12  ARG A C   1 
ATOM   79  O  O   . ARG A 1 12 ? 3.150   12.369  -2.667  1.00 16.25 ? 12  ARG A O   1 
ATOM   80  C  CB  . ARG A 1 12 ? 5.339   10.830  -0.805  1.00 19.45 ? 12  ARG A CB  1 
ATOM   81  C  CG  . ARG A 1 12 ? 6.746   10.476  -0.366  1.00 23.03 ? 12  ARG A CG  1 
ATOM   82  C  CD  . ARG A 1 12 ? 6.729   9.773   0.982   1.00 28.56 ? 12  ARG A CD  1 
ATOM   83  N  NE  . ARG A 1 12 ? 8.029   9.205   1.321   1.00 33.14 ? 12  ARG A NE  1 
ATOM   84  C  CZ  . ARG A 1 12 ? 8.234   8.370   2.334   1.00 35.84 ? 12  ARG A CZ  1 
ATOM   85  N  NH1 . ARG A 1 12 ? 7.223   8.006   3.111   1.00 37.46 ? 12  ARG A NH1 1 
ATOM   86  N  NH2 . ARG A 1 12 ? 9.451   7.898   2.570   1.00 37.96 ? 12  ARG A NH2 1 
ATOM   87  N  N   . CYS A 1 13 ? 3.200   10.156  -3.047  1.00 14.83 ? 13  CYS A N   1 
ATOM   88  C  CA  . CYS A 1 13 ? 1.805   10.100  -3.461  1.00 14.89 ? 13  CYS A CA  1 
ATOM   89  C  C   . CYS A 1 13 ? 0.841   10.269  -2.298  1.00 16.25 ? 13  CYS A C   1 
ATOM   90  O  O   . CYS A 1 13 ? 1.101   9.813   -1.183  1.00 17.24 ? 13  CYS A O   1 
ATOM   91  C  CB  . CYS A 1 13 ? 1.506   8.767   -4.137  1.00 14.85 ? 13  CYS A CB  1 
ATOM   92  S  SG  . CYS A 1 13 ? 2.410   8.535   -5.689  1.00 12.51 ? 13  CYS A SG  1 
ATOM   93  N  N   . PRO A 1 14 ? -0.293  10.933  -2.547  1.00 16.61 ? 14  PRO A N   1 
ATOM   94  C  CA  . PRO A 1 14 ? -1.285  11.134  -1.494  1.00 17.88 ? 14  PRO A CA  1 
ATOM   95  C  C   . PRO A 1 14 ? -1.948  9.799   -1.175  1.00 18.56 ? 14  PRO A C   1 
ATOM   96  O  O   . PRO A 1 14 ? -1.903  8.865   -1.981  1.00 17.31 ? 14  PRO A O   1 
ATOM   97  C  CB  . PRO A 1 14 ? -2.254  12.130  -2.125  1.00 19.00 ? 14  PRO A CB  1 
ATOM   98  C  CG  . PRO A 1 14 ? -2.195  11.768  -3.576  1.00 20.52 ? 14  PRO A CG  1 
ATOM   99  C  CD  . PRO A 1 14 ? -0.713  11.589  -3.797  1.00 19.00 ? 14  PRO A CD  1 
ATOM   100 N  N   . ASN A 1 15 ? -2.546  9.713   0.005   1.00 18.92 ? 15  ASN A N   1 
ATOM   101 C  CA  . ASN A 1 15 ? -3.228  8.502   0.443   1.00 20.40 ? 15  ASN A CA  1 
ATOM   102 C  C   . ASN A 1 15 ? -2.337  7.262   0.400   1.00 19.33 ? 15  ASN A C   1 
ATOM   103 O  O   . ASN A 1 15 ? -2.814  6.153   0.150   1.00 18.52 ? 15  ASN A O   1 
ATOM   104 C  CB  . ASN A 1 15 ? -4.483  8.272   -0.406  1.00 24.16 ? 15  ASN A CB  1 
ATOM   105 C  CG  . ASN A 1 15 ? -5.429  9.459   -0.380  1.00 27.58 ? 15  ASN A CG  1 
ATOM   106 O  OD1 . ASN A 1 15 ? -5.170  10.489  -1.002  1.00 31.14 ? 15  ASN A OD1 1 
ATOM   107 N  ND2 . ASN A 1 15 ? -6.527  9.324   0.352   1.00 30.69 ? 15  ASN A ND2 1 
ATOM   108 N  N   . GLY A 1 16 ? -1.044  7.468   0.641   1.00 17.76 ? 16  GLY A N   1 
ATOM   109 C  CA  . GLY A 1 16 ? -0.079  6.379   0.665   1.00 16.22 ? 16  GLY A CA  1 
ATOM   110 C  C   . GLY A 1 16 ? 0.101   5.526   -0.579  1.00 14.54 ? 16  GLY A C   1 
ATOM   111 O  O   . GLY A 1 16 ? 0.663   4.432   -0.494  1.00 15.71 ? 16  GLY A O   1 
ATOM   112 N  N   . LYS A 1 17 ? -0.350  6.010   -1.732  1.00 14.09 ? 17  LYS A N   1 
ATOM   113 C  CA  . LYS A 1 17 ? -0.223  5.246   -2.971  1.00 13.71 ? 17  LYS A CA  1 
ATOM   114 C  C   . LYS A 1 17 ? 1.222   5.060   -3.433  1.00 12.71 ? 17  LYS A C   1 
ATOM   115 O  O   . LYS A 1 17 ? 2.119   5.814   -3.050  1.00 12.55 ? 17  LYS A O   1 
ATOM   116 C  CB  . LYS A 1 17 ? -1.035  5.906   -4.090  1.00 16.18 ? 17  LYS A CB  1 
ATOM   117 C  CG  . LYS A 1 17 ? -2.545  5.804   -3.918  1.00 20.91 ? 17  LYS A CG  1 
ATOM   118 C  CD  . LYS A 1 17 ? -3.267  6.264   -5.177  1.00 24.73 ? 17  LYS A CD  1 
ATOM   119 C  CE  . LYS A 1 17 ? -4.771  6.059   -5.068  1.00 26.60 ? 17  LYS A CE  1 
ATOM   120 N  NZ  . LYS A 1 17 ? -5.453  6.367   -6.356  1.00 30.09 ? 17  LYS A NZ  1 
ATOM   121 N  N   . CYS A 1 18 ? 1.440   4.044   -4.264  1.00 10.02 ? 18  CYS A N   1 
ATOM   122 C  CA  . CYS A 1 18 ? 2.770   3.741   -4.783  1.00 9.54  ? 18  CYS A CA  1 
ATOM   123 C  C   . CYS A 1 18 ? 3.167   4.672   -5.911  1.00 10.49 ? 18  CYS A C   1 
ATOM   124 O  O   . CYS A 1 18 ? 2.341   5.047   -6.739  1.00 11.37 ? 18  CYS A O   1 
ATOM   125 C  CB  . CYS A 1 18 ? 2.830   2.320   -5.330  1.00 9.37  ? 18  CYS A CB  1 
ATOM   126 S  SG  . CYS A 1 18 ? 2.265   1.067   -4.151  1.00 10.61 ? 18  CYS A SG  1 
ATOM   127 N  N   . CYS A 1 19 ? 4.443   5.033   -5.940  1.00 11.38 ? 19  CYS A N   1 
ATOM   128 C  CA  . CYS A 1 19 ? 4.958   5.885   -6.997  1.00 10.91 ? 19  CYS A CA  1 
ATOM   129 C  C   . CYS A 1 19 ? 5.719   4.975   -7.962  1.00 11.02 ? 19  CYS A C   1 
ATOM   130 O  O   . CYS A 1 19 ? 6.706   4.337   -7.588  1.00 11.70 ? 19  CYS A O   1 
ATOM   131 C  CB  . CYS A 1 19 ? 5.893   6.951   -6.428  1.00 12.09 ? 19  CYS A CB  1 
ATOM   132 S  SG  . CYS A 1 19 ? 6.517   8.065   -7.721  1.00 11.44 ? 19  CYS A SG  1 
ATOM   133 N  N   . SER A 1 20 ? 5.247   4.908   -9.201  1.00 10.91 ? 20  SER A N   1 
ATOM   134 C  CA  . SER A 1 20 ? 5.861   4.052   -10.213 1.00 11.96 ? 20  SER A CA  1 
ATOM   135 C  C   . SER A 1 20 ? 7.245   4.524   -10.630 1.00 12.36 ? 20  SER A C   1 
ATOM   136 O  O   . SER A 1 20 ? 7.660   5.644   -10.325 1.00 11.76 ? 20  SER A O   1 
ATOM   137 C  CB  . SER A 1 20 ? 4.975   3.992   -11.455 1.00 12.03 ? 20  SER A CB  1 
ATOM   138 O  OG  . SER A 1 20 ? 5.020   5.230   -12.145 1.00 10.94 ? 20  SER A OG  1 
ATOM   139 N  N   . GLN A 1 21 ? 7.952   3.660   -11.348 1.00 15.47 ? 21  GLN A N   1 
ATOM   140 C  CA  . GLN A 1 21 ? 9.288   3.979   -11.828 1.00 15.45 ? 21  GLN A CA  1 
ATOM   141 C  C   . GLN A 1 21 ? 9.305   5.261   -12.649 1.00 14.25 ? 21  GLN A C   1 
ATOM   142 O  O   . GLN A 1 21 ? 10.301  5.983   -12.663 1.00 15.05 ? 21  GLN A O   1 
ATOM   143 C  CB  . GLN A 1 21 ? 9.830   2.839   -12.696 1.00 18.46 ? 21  GLN A CB  1 
ATOM   144 C  CG  . GLN A 1 21 ? 11.171  3.161   -13.346 1.00 22.22 ? 21  GLN A CG  1 
ATOM   145 C  CD  . GLN A 1 21 ? 11.629  2.105   -14.336 1.00 23.91 ? 21  GLN A CD  1 
ATOM   146 O  OE1 . GLN A 1 21 ? 12.675  2.250   -14.969 1.00 27.19 ? 21  GLN A OE1 1 
ATOM   147 N  NE2 . GLN A 1 21 ? 10.850  1.039   -14.474 1.00 24.41 ? 21  GLN A NE2 1 
ATOM   148 N  N   . TRP A 1 22 ? 8.195   5.554   -13.320 1.00 12.95 ? 22  TRP A N   1 
ATOM   149 C  CA  . TRP A 1 22 ? 8.128   6.735   -14.168 1.00 12.86 ? 22  TRP A CA  1 
ATOM   150 C  C   . TRP A 1 22 ? 7.507   7.980   -13.553 1.00 12.69 ? 22  TRP A C   1 
ATOM   151 O  O   . TRP A 1 22 ? 7.263   8.968   -14.246 1.00 14.92 ? 22  TRP A O   1 
ATOM   152 C  CB  . TRP A 1 22 ? 7.439   6.364   -15.481 1.00 14.03 ? 22  TRP A CB  1 
ATOM   153 C  CG  . TRP A 1 22 ? 8.159   5.232   -16.145 1.00 15.67 ? 22  TRP A CG  1 
ATOM   154 C  CD1 . TRP A 1 22 ? 7.765   3.925   -16.200 1.00 17.57 ? 22  TRP A CD1 1 
ATOM   155 C  CD2 . TRP A 1 22 ? 9.451   5.289   -16.762 1.00 17.50 ? 22  TRP A CD2 1 
ATOM   156 N  NE1 . TRP A 1 22 ? 8.733   3.164   -16.812 1.00 18.67 ? 22  TRP A NE1 1 
ATOM   157 C  CE2 . TRP A 1 22 ? 9.778   3.975   -17.167 1.00 19.13 ? 22  TRP A CE2 1 
ATOM   158 C  CE3 . TRP A 1 22 ? 10.365  6.321   -17.010 1.00 17.89 ? 22  TRP A CE3 1 
ATOM   159 C  CZ2 . TRP A 1 22 ? 10.983  3.666   -17.807 1.00 20.10 ? 22  TRP A CZ2 1 
ATOM   160 C  CZ3 . TRP A 1 22 ? 11.567  6.013   -17.648 1.00 19.65 ? 22  TRP A CZ3 1 
ATOM   161 C  CH2 . TRP A 1 22 ? 11.861  4.694   -18.039 1.00 20.77 ? 22  TRP A CH2 1 
ATOM   162 N  N   . GLY A 1 23 ? 7.256   7.931   -12.250 1.00 11.07 ? 23  GLY A N   1 
ATOM   163 C  CA  . GLY A 1 23 ? 6.722   9.093   -11.566 1.00 10.84 ? 23  GLY A CA  1 
ATOM   164 C  C   . GLY A 1 23 ? 5.227   9.312   -11.507 1.00 10.97 ? 23  GLY A C   1 
ATOM   165 O  O   . GLY A 1 23 ? 4.783   10.452  -11.446 1.00 11.85 ? 23  GLY A O   1 
ATOM   166 N  N   . TYR A 1 24 ? 4.448   8.237   -11.524 1.00 9.65  ? 24  TYR A N   1 
ATOM   167 C  CA  . TYR A 1 24 ? 2.999   8.364   -11.445 1.00 10.92 ? 24  TYR A CA  1 
ATOM   168 C  C   . TYR A 1 24 ? 2.472   7.556   -10.268 1.00 9.90  ? 24  TYR A C   1 
ATOM   169 O  O   . TYR A 1 24 ? 3.059   6.542   -9.887  1.00 11.01 ? 24  TYR A O   1 
ATOM   170 C  CB  . TYR A 1 24 ? 2.357   7.905   -12.753 1.00 12.81 ? 24  TYR A CB  1 
ATOM   171 C  CG  . TYR A 1 24 ? 2.522   8.914   -13.869 1.00 12.63 ? 24  TYR A CG  1 
ATOM   172 C  CD1 . TYR A 1 24 ? 1.647   9.993   -13.991 1.00 13.41 ? 24  TYR A CD1 1 
ATOM   173 C  CD2 . TYR A 1 24 ? 3.570   8.809   -14.782 1.00 13.05 ? 24  TYR A CD2 1 
ATOM   174 C  CE1 . TYR A 1 24 ? 1.810   10.943  -14.999 1.00 13.89 ? 24  TYR A CE1 1 
ATOM   175 C  CE2 . TYR A 1 24 ? 3.743   9.754   -15.791 1.00 14.78 ? 24  TYR A CE2 1 
ATOM   176 C  CZ  . TYR A 1 24 ? 2.858   10.818  -15.895 1.00 14.19 ? 24  TYR A CZ  1 
ATOM   177 O  OH  . TYR A 1 24 ? 3.014   11.749  -16.898 1.00 17.22 ? 24  TYR A OH  1 
ATOM   178 N  N   . CYS A 1 25 ? 1.363   8.020   -9.695  1.00 11.03 ? 25  CYS A N   1 
ATOM   179 C  CA  . CYS A 1 25 ? 0.749   7.373   -8.541  1.00 10.64 ? 25  CYS A CA  1 
ATOM   180 C  C   . CYS A 1 25 ? -0.303  6.332   -8.902  1.00 11.44 ? 25  CYS A C   1 
ATOM   181 O  O   . CYS A 1 25 ? -1.132  6.547   -9.786  1.00 12.87 ? 25  CYS A O   1 
ATOM   182 C  CB  . CYS A 1 25 ? 0.119   8.433   -7.637  1.00 11.25 ? 25  CYS A CB  1 
ATOM   183 S  SG  . CYS A 1 25 ? 1.328   9.636   -7.006  1.00 12.96 ? 25  CYS A SG  1 
ATOM   184 N  N   . GLY A 1 26 ? -0.273  5.206   -8.195  1.00 12.37 ? 26  GLY A N   1 
ATOM   185 C  CA  . GLY A 1 26 ? -1.229  4.148   -8.454  1.00 13.26 ? 26  GLY A CA  1 
ATOM   186 C  C   . GLY A 1 26 ? -1.155  3.039   -7.422  1.00 13.26 ? 26  GLY A C   1 
ATOM   187 O  O   . GLY A 1 26 ? -0.327  3.083   -6.510  1.00 12.46 ? 26  GLY A O   1 
ATOM   188 N  N   . THR A 1 27 ? -2.018  2.040   -7.571  1.00 14.89 ? 27  THR A N   1 
ATOM   189 C  CA  . THR A 1 27 ? -2.058  0.919   -6.640  1.00 15.44 ? 27  THR A CA  1 
ATOM   190 C  C   . THR A 1 27 ? -1.980  -0.443  -7.323  1.00 15.42 ? 27  THR A C   1 
ATOM   191 O  O   . THR A 1 27 ? -1.989  -1.474  -6.649  1.00 16.15 ? 27  THR A O   1 
ATOM   192 C  CB  . THR A 1 27 ? -3.338  0.959   -5.787  1.00 17.45 ? 27  THR A CB  1 
ATOM   193 O  OG1 . THR A 1 27 ? -4.483  0.944   -6.649  1.00 18.86 ? 27  THR A OG1 1 
ATOM   194 C  CG2 . THR A 1 27 ? -3.370  2.216   -4.931  1.00 18.72 ? 27  THR A CG2 1 
ATOM   195 N  N   . THR A 1 28 ? -1.910  -0.462  -8.651  1.00 17.52 ? 28  THR A N   1 
ATOM   196 C  CA  . THR A 1 28 ? -1.820  -1.735  -9.365  1.00 19.14 ? 28  THR A CA  1 
ATOM   197 C  C   . THR A 1 28 ? -0.370  -2.204  -9.356  1.00 20.08 ? 28  THR A C   1 
ATOM   198 O  O   . THR A 1 28 ? 0.523   -1.465  -8.945  1.00 18.83 ? 28  THR A O   1 
ATOM   199 C  CB  . THR A 1 28 ? -2.278  -1.617  -10.834 1.00 20.58 ? 28  THR A CB  1 
ATOM   200 O  OG1 . THR A 1 28 ? -1.292  -0.906  -11.590 1.00 22.75 ? 28  THR A OG1 1 
ATOM   201 C  CG2 . THR A 1 28 ? -3.609  -0.887  -10.921 1.00 22.96 ? 28  THR A CG2 1 
ATOM   202 N  N   . ASP A 1 29 ? -0.137  -3.430  -9.812  1.00 20.41 ? 29  ASP A N   1 
ATOM   203 C  CA  . ASP A 1 29 ? 1.214   -3.980  -9.845  1.00 21.57 ? 29  ASP A CA  1 
ATOM   204 C  C   . ASP A 1 29 ? 2.162   -3.132  -10.688 1.00 21.73 ? 29  ASP A C   1 
ATOM   205 O  O   . ASP A 1 29 ? 3.376   -3.188  -10.506 1.00 21.11 ? 29  ASP A O   1 
ATOM   206 C  CB  . ASP A 1 29 ? 1.192   -5.411  -10.383 1.00 25.63 ? 29  ASP A CB  1 
ATOM   207 C  CG  . ASP A 1 29 ? 0.446   -6.362  -9.472  1.00 29.18 ? 29  ASP A CG  1 
ATOM   208 O  OD1 . ASP A 1 29 ? 0.837   -6.481  -8.290  1.00 33.14 ? 29  ASP A OD1 1 
ATOM   209 O  OD2 . ASP A 1 29 ? -0.531  -6.991  -9.934  1.00 32.36 ? 29  ASP A OD2 1 
ATOM   210 N  N   . ASN A 1 30 ? 1.609   -2.349  -11.608 1.00 21.69 ? 30  ASN A N   1 
ATOM   211 C  CA  . ASN A 1 30 ? 2.428   -1.503  -12.467 1.00 21.30 ? 30  ASN A CA  1 
ATOM   212 C  C   . ASN A 1 30 ? 2.943   -0.268  -11.734 1.00 20.34 ? 30  ASN A C   1 
ATOM   213 O  O   . ASN A 1 30 ? 3.768   0.478   -12.256 1.00 20.84 ? 30  ASN A O   1 
ATOM   214 C  CB  . ASN A 1 30 ? 1.637   -1.083  -13.708 1.00 22.74 ? 30  ASN A CB  1 
ATOM   215 C  CG  . ASN A 1 30 ? 1.212   -2.268  -14.552 1.00 26.17 ? 30  ASN A CG  1 
ATOM   216 O  OD1 . ASN A 1 30 ? 2.014   -3.162  -14.832 1.00 27.00 ? 30  ASN A OD1 1 
ATOM   217 N  ND2 . ASN A 1 30 ? -0.049  -2.279  -14.969 1.00 27.27 ? 30  ASN A ND2 1 
ATOM   218 N  N   . TYR A 1 31 ? 2.453   -0.061  -10.517 1.00 16.49 ? 31  TYR A N   1 
ATOM   219 C  CA  . TYR A 1 31 ? 2.867   1.075   -9.702  1.00 14.60 ? 31  TYR A CA  1 
ATOM   220 C  C   . TYR A 1 31 ? 3.604   0.609   -8.455  1.00 14.20 ? 31  TYR A C   1 
ATOM   221 O  O   . TYR A 1 31 ? 4.608   1.197   -8.058  1.00 13.24 ? 31  TYR A O   1 
ATOM   222 C  CB  . TYR A 1 31 ? 1.645   1.896   -9.280  1.00 14.63 ? 31  TYR A CB  1 
ATOM   223 C  CG  . TYR A 1 31 ? 0.899   2.521   -10.434 1.00 14.41 ? 31  TYR A CG  1 
ATOM   224 C  CD1 . TYR A 1 31 ? 1.274   3.764   -10.938 1.00 15.17 ? 31  TYR A CD1 1 
ATOM   225 C  CD2 . TYR A 1 31 ? -0.166  1.856   -11.039 1.00 15.01 ? 31  TYR A CD2 1 
ATOM   226 C  CE1 . TYR A 1 31 ? 0.604   4.332   -12.018 1.00 17.14 ? 31  TYR A CE1 1 
ATOM   227 C  CE2 . TYR A 1 31 ? -0.841  2.412   -12.119 1.00 17.11 ? 31  TYR A CE2 1 
ATOM   228 C  CZ  . TYR A 1 31 ? -0.451  3.648   -12.603 1.00 18.81 ? 31  TYR A CZ  1 
ATOM   229 O  OH  . TYR A 1 31 ? -1.116  4.193   -13.677 1.00 19.87 ? 31  TYR A OH  1 
ATOM   230 N  N   . CYS A 1 32 ? 3.102   -0.462  -7.849  1.00 14.22 ? 32  CYS A N   1 
ATOM   231 C  CA  . CYS A 1 32 ? 3.684   -0.999  -6.624  1.00 15.75 ? 32  CYS A CA  1 
ATOM   232 C  C   . CYS A 1 32 ? 4.677   -2.127  -6.866  1.00 18.75 ? 32  CYS A C   1 
ATOM   233 O  O   . CYS A 1 32 ? 5.470   -2.462  -5.983  1.00 20.65 ? 32  CYS A O   1 
ATOM   234 C  CB  . CYS A 1 32 ? 2.573   -1.506  -5.705  1.00 14.56 ? 32  CYS A CB  1 
ATOM   235 S  SG  . CYS A 1 32 ? 1.285   -0.289  -5.302  1.00 12.69 ? 32  CYS A SG  1 
ATOM   236 N  N   . GLY A 1 33 ? 4.630   -2.706  -8.059  1.00 19.34 ? 33  GLY A N   1 
ATOM   237 C  CA  . GLY A 1 33 ? 5.517   -3.809  -8.382  1.00 21.65 ? 33  GLY A CA  1 
ATOM   238 C  C   . GLY A 1 33 ? 6.948   -3.418  -8.697  1.00 22.99 ? 33  GLY A C   1 
ATOM   239 O  O   . GLY A 1 33 ? 7.532   -2.553  -8.044  1.00 23.95 ? 33  GLY A O   1 
ATOM   240 N  N   . GLN A 1 34 ? 7.512   -4.067  -9.710  1.00 24.57 ? 34  GLN A N   1 
ATOM   241 C  CA  . GLN A 1 34 ? 8.884   -3.807  -10.122 1.00 25.32 ? 34  GLN A CA  1 
ATOM   242 C  C   . GLN A 1 34 ? 9.054   -2.364  -10.589 1.00 24.23 ? 34  GLN A C   1 
ATOM   243 O  O   . GLN A 1 34 ? 8.247   -1.851  -11.365 1.00 25.61 ? 34  GLN A O   1 
ATOM   244 C  CB  . GLN A 1 34 ? 9.280   -4.780  -11.241 1.00 28.38 ? 34  GLN A CB  1 
ATOM   245 C  CG  . GLN A 1 34 ? 10.763  -5.110  -11.290 1.00 31.29 ? 34  GLN A CG  1 
ATOM   246 C  CD  . GLN A 1 34 ? 11.603  -4.008  -11.905 1.00 32.76 ? 34  GLN A CD  1 
ATOM   247 O  OE1 . GLN A 1 34 ? 12.800  -3.907  -11.640 1.00 34.59 ? 34  GLN A OE1 1 
ATOM   248 N  NE2 . GLN A 1 34 ? 10.984  -3.188  -12.748 1.00 33.82 ? 34  GLN A NE2 1 
ATOM   249 N  N   . GLY A 1 35 ? 10.105  -1.712  -10.100 1.00 22.41 ? 35  GLY A N   1 
ATOM   250 C  CA  . GLY A 1 35 ? 10.369  -0.337  -10.476 1.00 20.01 ? 35  GLY A CA  1 
ATOM   251 C  C   . GLY A 1 35 ? 9.778   0.691   -9.530  1.00 17.71 ? 35  GLY A C   1 
ATOM   252 O  O   . GLY A 1 35 ? 10.089  1.876   -9.632  1.00 17.54 ? 35  GLY A O   1 
ATOM   253 N  N   . CYS A 1 36 ? 8.926   0.249   -8.607  1.00 17.12 ? 36  CYS A N   1 
ATOM   254 C  CA  . CYS A 1 36 ? 8.302   1.168   -7.661  1.00 15.68 ? 36  CYS A CA  1 
ATOM   255 C  C   . CYS A 1 36 ? 9.341   1.971   -6.882  1.00 15.74 ? 36  CYS A C   1 
ATOM   256 O  O   . CYS A 1 36 ? 10.298  1.409   -6.344  1.00 17.74 ? 36  CYS A O   1 
ATOM   257 C  CB  . CYS A 1 36 ? 7.403   0.403   -6.687  1.00 15.18 ? 36  CYS A CB  1 
ATOM   258 S  SG  . CYS A 1 36 ? 6.650   1.483   -5.430  1.00 13.41 ? 36  CYS A SG  1 
ATOM   259 N  N   . GLN A 1 37 ? 9.138   3.284   -6.822  1.00 15.51 ? 37  GLN A N   1 
ATOM   260 C  CA  . GLN A 1 37 ? 10.051  4.194   -6.132  1.00 16.19 ? 37  GLN A CA  1 
ATOM   261 C  C   . GLN A 1 37 ? 9.779   4.361   -4.638  1.00 16.03 ? 37  GLN A C   1 
ATOM   262 O  O   . GLN A 1 37 ? 10.683  4.197   -3.816  1.00 16.70 ? 37  GLN A O   1 
ATOM   263 C  CB  . GLN A 1 37 ? 10.009  5.585   -6.772  1.00 17.94 ? 37  GLN A CB  1 
ATOM   264 C  CG  . GLN A 1 37 ? 10.476  5.673   -8.208  1.00 19.16 ? 37  GLN A CG  1 
ATOM   265 C  CD  . GLN A 1 37 ? 10.552  7.112   -8.683  1.00 18.63 ? 37  GLN A CD  1 
ATOM   266 O  OE1 . GLN A 1 37 ? 11.288  7.922   -8.119  1.00 19.25 ? 37  GLN A OE1 1 
ATOM   267 N  NE2 . GLN A 1 37 ? 9.788   7.439   -9.720  1.00 18.10 ? 37  GLN A NE2 1 
ATOM   268 N  N   . SER A 1 38 ? 8.543   4.698   -4.287  1.00 14.47 ? 38  SER A N   1 
ATOM   269 C  CA  . SER A 1 38 ? 8.198   4.924   -2.888  1.00 14.17 ? 38  SER A CA  1 
ATOM   270 C  C   . SER A 1 38 ? 6.807   4.432   -2.503  1.00 13.91 ? 38  SER A C   1 
ATOM   271 O  O   . SER A 1 38 ? 5.933   4.276   -3.358  1.00 12.81 ? 38  SER A O   1 
ATOM   272 C  CB  . SER A 1 38 ? 8.307   6.416   -2.575  1.00 14.84 ? 38  SER A CB  1 
ATOM   273 O  OG  . SER A 1 38 ? 7.409   7.168   -3.376  1.00 17.86 ? 38  SER A OG  1 
ATOM   274 N  N   . GLN A 1 39 ? 6.615   4.209   -1.202  1.00 12.71 ? 39  GLN A N   1 
ATOM   275 C  CA  . GLN A 1 39 ? 5.349   3.735   -0.647  1.00 12.83 ? 39  GLN A CA  1 
ATOM   276 C  C   . GLN A 1 39 ? 4.878   2.478   -1.369  1.00 13.09 ? 39  GLN A C   1 
ATOM   277 O  O   . GLN A 1 39 ? 3.696   2.303   -1.653  1.00 14.85 ? 39  GLN A O   1 
ATOM   278 C  CB  . GLN A 1 39 ? 4.303   4.860   -0.715  1.00 13.59 ? 39  GLN A CB  1 
ATOM   279 C  CG  . GLN A 1 39 ? 4.678   6.029   0.203   1.00 14.51 ? 39  GLN A CG  1 
ATOM   280 C  CD  . GLN A 1 39 ? 3.698   7.195   0.186   1.00 16.38 ? 39  GLN A CD  1 
ATOM   281 O  OE1 . GLN A 1 39 ? 3.835   8.131   0.975   1.00 19.00 ? 39  GLN A OE1 1 
ATOM   282 N  NE2 . GLN A 1 39 ? 2.718   7.152   -0.710  1.00 16.76 ? 39  GLN A NE2 1 
ATOM   283 N  N   . CYS A 1 40 ? 5.833   1.588   -1.623  1.00 12.97 ? 40  CYS A N   1 
ATOM   284 C  CA  . CYS A 1 40 ? 5.593   0.343   -2.338  1.00 13.46 ? 40  CYS A CA  1 
ATOM   285 C  C   . CYS A 1 40 ? 4.937   -0.776  -1.534  1.00 15.30 ? 40  CYS A C   1 
ATOM   286 O  O   . CYS A 1 40 ? 4.522   -1.784  -2.106  1.00 16.01 ? 40  CYS A O   1 
ATOM   287 C  CB  . CYS A 1 40 ? 6.913   -0.154  -2.926  1.00 13.05 ? 40  CYS A CB  1 
ATOM   288 S  SG  . CYS A 1 40 ? 7.809   1.169   -3.796  1.00 13.76 ? 40  CYS A SG  1 
ATOM   289 N  N   . ASP A 1 41 ? 4.843   -0.599  -0.220  1.00 15.56 ? 41  ASP A N   1 
ATOM   290 C  CA  . ASP A 1 41 ? 4.234   -1.601  0.651   1.00 17.09 ? 41  ASP A CA  1 
ATOM   291 C  C   . ASP A 1 41 ? 2.754   -1.310  0.886   1.00 14.52 ? 41  ASP A C   1 
ATOM   292 O  O   . ASP A 1 41 ? 2.184   -1.731  1.895   1.00 13.33 ? 41  ASP A O   1 
ATOM   293 C  CB  . ASP A 1 41 ? 4.959   -1.634  1.998   1.00 18.93 ? 41  ASP A CB  1 
ATOM   294 C  CG  . ASP A 1 41 ? 6.348   -2.234  1.904   1.00 23.89 ? 41  ASP A CG  1 
ATOM   295 O  OD1 . ASP A 1 41 ? 7.134   -2.059  2.859   1.00 29.07 ? 41  ASP A OD1 1 
ATOM   296 O  OD2 . ASP A 1 41 ? 6.654   -2.891  0.888   1.00 27.40 ? 41  ASP A OD2 1 
ATOM   297 N  N   . TYR A 1 42 ? 2.135   -0.601  -0.051  1.00 12.12 ? 42  TYR A N   1 
ATOM   298 C  CA  . TYR A 1 42 ? 0.726   -0.235  0.055   1.00 12.59 ? 42  TYR A CA  1 
ATOM   299 C  C   . TYR A 1 42 ? -0.209  -1.393  0.412   1.00 11.67 ? 42  TYR A C   1 
ATOM   300 O  O   . TYR A 1 42 ? -1.116  -1.232  1.231   1.00 14.54 ? 42  TYR A O   1 
ATOM   301 C  CB  . TYR A 1 42 ? 0.264   0.414   -1.254  1.00 12.49 ? 42  TYR A CB  1 
ATOM   302 C  CG  . TYR A 1 42 ? -1.178  0.875   -1.253  1.00 13.27 ? 42  TYR A CG  1 
ATOM   303 C  CD1 . TYR A 1 42 ? -2.208  0.015   -1.636  1.00 12.72 ? 42  TYR A CD1 1 
ATOM   304 C  CD2 . TYR A 1 42 ? -1.513  2.170   -0.860  1.00 13.24 ? 42  TYR A CD2 1 
ATOM   305 C  CE1 . TYR A 1 42 ? -3.540  0.438   -1.631  1.00 14.08 ? 42  TYR A CE1 1 
ATOM   306 C  CE2 . TYR A 1 42 ? -2.839  2.604   -0.850  1.00 14.16 ? 42  TYR A CE2 1 
ATOM   307 C  CZ  . TYR A 1 42 ? -3.846  1.733   -1.236  1.00 13.25 ? 42  TYR A CZ  1 
ATOM   308 O  OH  . TYR A 1 42 ? -5.154  2.161   -1.231  1.00 16.33 ? 42  TYR A OH  1 
ATOM   309 N  N   . TRP A 1 43 ? 0.013   -2.555  -0.192  1.00 11.30 ? 43  TRP A N   1 
ATOM   310 C  CA  . TRP A 1 43 ? -0.850  -3.701  0.061   1.00 10.37 ? 43  TRP A CA  1 
ATOM   311 C  C   . TRP A 1 43 ? -0.464  -4.598  1.227   1.00 10.19 ? 43  TRP A C   1 
ATOM   312 O  O   . TRP A 1 43 ? -1.186  -5.546  1.540   1.00 11.45 ? 43  TRP A O   1 
ATOM   313 C  CB  . TRP A 1 43 ? -0.974  -4.548  -1.205  1.00 11.60 ? 43  TRP A CB  1 
ATOM   314 C  CG  . TRP A 1 43 ? -1.667  -3.827  -2.311  1.00 12.12 ? 43  TRP A CG  1 
ATOM   315 C  CD1 . TRP A 1 43 ? -1.089  -3.244  -3.405  1.00 12.73 ? 43  TRP A CD1 1 
ATOM   316 C  CD2 . TRP A 1 43 ? -3.068  -3.555  -2.404  1.00 12.82 ? 43  TRP A CD2 1 
ATOM   317 N  NE1 . TRP A 1 43 ? -2.046  -2.623  -4.171  1.00 14.16 ? 43  TRP A NE1 1 
ATOM   318 C  CE2 . TRP A 1 43 ? -3.270  -2.796  -3.579  1.00 13.43 ? 43  TRP A CE2 1 
ATOM   319 C  CE3 . TRP A 1 43 ? -4.175  -3.874  -1.606  1.00 12.65 ? 43  TRP A CE3 1 
ATOM   320 C  CZ2 . TRP A 1 43 ? -4.536  -2.354  -3.976  1.00 13.87 ? 43  TRP A CZ2 1 
ATOM   321 C  CZ3 . TRP A 1 43 ? -5.431  -3.435  -2.000  1.00 13.23 ? 43  TRP A CZ3 1 
ATOM   322 C  CH2 . TRP A 1 43 ? -5.601  -2.682  -3.173  1.00 12.26 ? 43  TRP A CH2 1 
ATOM   323 N  N   . ARG A 1 44 ? 0.663   -4.307  1.870   1.00 11.53 ? 44  ARG A N   1 
ATOM   324 C  CA  . ARG A 1 44 ? 1.110   -5.121  2.998   1.00 11.63 ? 44  ARG A CA  1 
ATOM   325 C  C   . ARG A 1 44 ? 0.837   -4.392  4.305   1.00 11.83 ? 44  ARG A C   1 
ATOM   326 O  O   . ARG A 1 44 ? 0.747   -3.166  4.333   1.00 13.38 ? 44  ARG A O   1 
ATOM   327 C  CB  . ARG A 1 44 ? 2.603   -5.456  2.869   1.00 11.01 ? 44  ARG A CB  1 
ATOM   328 C  CG  . ARG A 1 44 ? 2.971   -6.178  1.576   1.00 13.44 ? 44  ARG A CG  1 
ATOM   329 C  CD  . ARG A 1 44 ? 2.041   -7.362  1.296   1.00 12.71 ? 44  ARG A CD  1 
ATOM   330 N  NE  . ARG A 1 44 ? 2.063   -8.394  2.336   1.00 14.85 ? 44  ARG A NE  1 
ATOM   331 C  CZ  . ARG A 1 44 ? 2.952   -9.383  2.408   1.00 14.19 ? 44  ARG A CZ  1 
ATOM   332 N  NH1 . ARG A 1 44 ? 3.914   -9.490  1.499   1.00 15.73 ? 44  ARG A NH1 1 
ATOM   333 N  NH2 . ARG A 1 44 ? 2.863   -10.285 3.376   1.00 15.46 ? 44  ARG A NH2 1 
ATOM   334 N  N   . CYS A 1 45 ? 0.726   -5.146  5.391   1.00 9.96  ? 45  CYS A N   1 
ATOM   335 C  CA  . CYS A 1 45 ? 0.398   -4.549  6.677   1.00 10.88 ? 45  CYS A CA  1 
ATOM   336 C  C   . CYS A 1 45 ? 0.687   -5.527  7.807   1.00 10.60 ? 45  CYS A C   1 
ATOM   337 O  O   . CYS A 1 45 ? 1.084   -6.667  7.571   1.00 10.86 ? 45  CYS A O   1 
ATOM   338 C  CB  . CYS A 1 45 ? -1.096  -4.227  6.684   1.00 10.06 ? 45  CYS A CB  1 
ATOM   339 S  SG  . CYS A 1 45 ? -2.065  -5.726  6.303   1.00 10.29 ? 45  CYS A SG  1 
ATOM   340 N  N   . GLY A 1 46 ? 0.480   -5.070  9.037   1.00 12.22 ? 46  GLY A N   1 
ATOM   341 C  CA  . GLY A 1 46 ? 0.669   -5.940  10.181  1.00 11.92 ? 46  GLY A CA  1 
ATOM   342 C  C   . GLY A 1 46 ? 2.051   -6.046  10.790  1.00 12.51 ? 46  GLY A C   1 
ATOM   343 O  O   . GLY A 1 46 ? 2.929   -5.225  10.535  1.00 12.58 ? 46  GLY A O   1 
ATOM   344 N  N   . ARG A 1 47 ? 2.233   -7.087  11.592  1.00 12.92 ? 47  ARG A N   1 
ATOM   345 C  CA  . ARG A 1 47 ? 3.487   -7.336  12.291  1.00 14.60 ? 47  ARG A CA  1 
ATOM   346 C  C   . ARG A 1 47 ? 4.722   -7.502  11.409  1.00 15.64 ? 47  ARG A C   1 
ATOM   347 O  O   . ARG A 1 47 ? 5.834   -7.200  11.843  1.00 17.34 ? 47  ARG A O   1 
ATOM   348 C  CB  . ARG A 1 47 ? 3.335   -8.559  13.200  1.00 16.72 ? 47  ARG A CB  1 
ATOM   349 C  CG  . ARG A 1 47 ? 2.970   -9.845  12.478  1.00 19.17 ? 47  ARG A CG  1 
ATOM   350 C  CD  . ARG A 1 47 ? 2.727   -10.963 13.481  1.00 23.32 ? 47  ARG A CD  1 
ATOM   351 N  NE  . ARG A 1 47 ? 2.385   -12.226 12.837  1.00 25.53 ? 47  ARG A NE  1 
ATOM   352 C  CZ  . ARG A 1 47 ? 2.027   -13.324 13.494  1.00 27.89 ? 47  ARG A CZ  1 
ATOM   353 N  NH1 . ARG A 1 47 ? 1.962   -13.317 14.820  1.00 29.14 ? 47  ARG A NH1 1 
ATOM   354 N  NH2 . ARG A 1 47 ? 1.729   -14.431 12.827  1.00 28.51 ? 47  ARG A NH2 1 
ATOM   355 N  N   . ASP A 1 48 ? 4.544   -7.985  10.183  1.00 14.46 ? 48  ASP A N   1 
ATOM   356 C  CA  . ASP A 1 48 ? 5.685   -8.163  9.286   1.00 14.49 ? 48  ASP A CA  1 
ATOM   357 C  C   . ASP A 1 48 ? 6.113   -6.846  8.655   1.00 14.10 ? 48  ASP A C   1 
ATOM   358 O  O   . ASP A 1 48 ? 7.194   -6.750  8.072   1.00 16.42 ? 48  ASP A O   1 
ATOM   359 C  CB  . ASP A 1 48 ? 5.360   -9.154  8.165   1.00 15.01 ? 48  ASP A CB  1 
ATOM   360 C  CG  . ASP A 1 48 ? 5.221   -10.574 8.660   1.00 16.77 ? 48  ASP A CG  1 
ATOM   361 O  OD1 . ASP A 1 48 ? 5.588   -10.843 9.824   1.00 18.22 ? 48  ASP A OD1 1 
ATOM   362 O  OD2 . ASP A 1 48 ? 4.751   -11.425 7.875   1.00 15.76 ? 48  ASP A OD2 1 
ATOM   363 N  N   . PHE A 1 49 ? 5.263   -5.832  8.772   1.00 13.76 ? 49  PHE A N   1 
ATOM   364 C  CA  . PHE A 1 49 ? 5.556   -4.534  8.186   1.00 15.24 ? 49  PHE A CA  1 
ATOM   365 C  C   . PHE A 1 49 ? 5.456   -3.368  9.163   1.00 16.57 ? 49  PHE A C   1 
ATOM   366 O  O   . PHE A 1 49 ? 4.752   -2.386  8.913   1.00 17.12 ? 49  PHE A O   1 
ATOM   367 C  CB  . PHE A 1 49 ? 4.646   -4.302  6.979   1.00 15.64 ? 49  PHE A CB  1 
ATOM   368 C  CG  . PHE A 1 49 ? 4.861   -5.292  5.871   1.00 15.79 ? 49  PHE A CG  1 
ATOM   369 C  CD1 . PHE A 1 49 ? 4.329   -6.577  5.952   1.00 15.54 ? 49  PHE A CD1 1 
ATOM   370 C  CD2 . PHE A 1 49 ? 5.648   -4.963  4.772   1.00 16.64 ? 49  PHE A CD2 1 
ATOM   371 C  CE1 . PHE A 1 49 ? 4.578   -7.518  4.958   1.00 16.88 ? 49  PHE A CE1 1 
ATOM   372 C  CE2 . PHE A 1 49 ? 5.903   -5.897  3.772   1.00 17.19 ? 49  PHE A CE2 1 
ATOM   373 C  CZ  . PHE A 1 49 ? 5.369   -7.179  3.867   1.00 17.49 ? 49  PHE A CZ  1 
ATOM   374 N  N   . GLY A 1 50 ? 6.176   -3.486  10.273  1.00 18.15 ? 50  GLY A N   1 
ATOM   375 C  CA  . GLY A 1 50 ? 6.197   -2.435  11.274  1.00 18.85 ? 50  GLY A CA  1 
ATOM   376 C  C   . GLY A 1 50 ? 4.870   -2.098  11.923  1.00 18.96 ? 50  GLY A C   1 
ATOM   377 O  O   . GLY A 1 50 ? 4.739   -1.041  12.541  1.00 20.85 ? 50  GLY A O   1 
ATOM   378 N  N   . GLY A 1 51 ? 3.890   -2.987  11.789  1.00 17.09 ? 51  GLY A N   1 
ATOM   379 C  CA  . GLY A 1 51 ? 2.584   -2.749  12.379  1.00 17.45 ? 51  GLY A CA  1 
ATOM   380 C  C   . GLY A 1 51 ? 1.739   -1.778  11.576  1.00 15.78 ? 51  GLY A C   1 
ATOM   381 O  O   . GLY A 1 51 ? 0.743   -1.251  12.071  1.00 17.24 ? 51  GLY A O   1 
ATOM   382 N  N   . ARG A 1 52 ? 2.134   -1.548  10.329  1.00 15.09 ? 52  ARG A N   1 
ATOM   383 C  CA  . ARG A 1 52 ? 1.420   -0.630  9.447   1.00 14.62 ? 52  ARG A CA  1 
ATOM   384 C  C   . ARG A 1 52 ? -0.061  -0.958  9.289   1.00 13.84 ? 52  ARG A C   1 
ATOM   385 O  O   . ARG A 1 52 ? -0.447  -2.123  9.202   1.00 14.27 ? 52  ARG A O   1 
ATOM   386 C  CB  . ARG A 1 52 ? 2.076   -0.611  8.063   1.00 16.96 ? 52  ARG A CB  1 
ATOM   387 C  CG  . ARG A 1 52 ? 1.287   0.161   7.008   1.00 20.24 ? 52  ARG A CG  1 
ATOM   388 C  CD  . ARG A 1 52 ? 2.025   0.189   5.675   1.00 21.16 ? 52  ARG A CD  1 
ATOM   389 N  NE  . ARG A 1 52 ? 1.305   0.962   4.662   1.00 21.05 ? 52  ARG A NE  1 
ATOM   390 C  CZ  . ARG A 1 52 ? 0.248   0.521   3.986   1.00 21.31 ? 52  ARG A CZ  1 
ATOM   391 N  NH1 . ARG A 1 52 ? -0.225  -0.698  4.201   1.00 20.32 ? 52  ARG A NH1 1 
ATOM   392 N  NH2 . ARG A 1 52 ? -0.342  1.308   3.094   1.00 21.87 ? 52  ARG A NH2 1 
ATOM   393 N  N   . LEU A 1 53 ? -0.882  0.089   9.259   1.00 13.56 ? 53  LEU A N   1 
ATOM   394 C  CA  . LEU A 1 53 ? -2.321  -0.060  9.079   1.00 13.01 ? 53  LEU A CA  1 
ATOM   395 C  C   . LEU A 1 53 ? -2.630  0.192   7.607   1.00 13.61 ? 53  LEU A C   1 
ATOM   396 O  O   . LEU A 1 53 ? -1.938  0.969   6.950   1.00 13.96 ? 53  LEU A O   1 
ATOM   397 C  CB  . LEU A 1 53 ? -3.078  0.962   9.929   1.00 15.32 ? 53  LEU A CB  1 
ATOM   398 C  CG  . LEU A 1 53 ? -2.857  0.935   11.441  1.00 17.78 ? 53  LEU A CG  1 
ATOM   399 C  CD1 . LEU A 1 53 ? -3.624  2.083   12.072  1.00 18.89 ? 53  LEU A CD1 1 
ATOM   400 C  CD2 . LEU A 1 53 ? -3.311  -0.398  12.015  1.00 19.40 ? 53  LEU A CD2 1 
ATOM   401 N  N   . CYS A 1 54 ? -3.666  -0.457  7.089   1.00 12.15 ? 54  CYS A N   1 
ATOM   402 C  CA  . CYS A 1 54 ? -4.042  -0.275  5.690   1.00 11.96 ? 54  CYS A CA  1 
ATOM   403 C  C   . CYS A 1 54 ? -4.782  1.034   5.462   1.00 13.03 ? 54  CYS A C   1 
ATOM   404 O  O   . CYS A 1 54 ? -5.419  1.571   6.369   1.00 13.98 ? 54  CYS A O   1 
ATOM   405 C  CB  . CYS A 1 54 ? -4.954  -1.408  5.225   1.00 11.16 ? 54  CYS A CB  1 
ATOM   406 S  SG  . CYS A 1 54 ? -4.245  -3.071  5.374   1.00 10.20 ? 54  CYS A SG  1 
ATOM   407 N  N   . GLU A 1 55 ? -4.698  1.536   4.234   1.00 12.84 ? 55  GLU A N   1 
ATOM   408 C  CA  . GLU A 1 55 ? -5.394  2.756   3.859   1.00 12.78 ? 55  GLU A CA  1 
ATOM   409 C  C   . GLU A 1 55 ? -6.822  2.355   3.491   1.00 13.73 ? 55  GLU A C   1 
ATOM   410 O  O   . GLU A 1 55 ? -7.154  1.167   3.466   1.00 13.69 ? 55  GLU A O   1 
ATOM   411 C  CB  . GLU A 1 55 ? -4.720  3.395   2.641   1.00 15.17 ? 55  GLU A CB  1 
ATOM   412 C  CG  . GLU A 1 55 ? -3.319  3.909   2.899   1.00 18.45 ? 55  GLU A CG  1 
ATOM   413 C  CD  . GLU A 1 55 ? -3.306  5.261   3.584   1.00 20.24 ? 55  GLU A CD  1 
ATOM   414 O  OE1 . GLU A 1 55 ? -2.205  5.747   3.915   1.00 24.91 ? 55  GLU A OE1 1 
ATOM   415 O  OE2 . GLU A 1 55 ? -4.394  5.841   3.785   1.00 23.44 ? 55  GLU A OE2 1 
ATOM   416 N  N   . GLU A 1 56 ? -7.658  3.350   3.218   1.00 13.52 ? 56  GLU A N   1 
ATOM   417 C  CA  . GLU A 1 56 ? -9.040  3.122   2.813   1.00 13.65 ? 56  GLU A CA  1 
ATOM   418 C  C   . GLU A 1 56 ? -9.851  2.193   3.723   1.00 12.86 ? 56  GLU A C   1 
ATOM   419 O  O   . GLU A 1 56 ? -10.745 1.492   3.251   1.00 13.19 ? 56  GLU A O   1 
ATOM   420 C  CB  . GLU A 1 56 ? -9.068  2.573   1.384   1.00 14.98 ? 56  GLU A CB  1 
ATOM   421 C  CG  . GLU A 1 56 ? -8.239  3.374   0.380   1.00 20.19 ? 56  GLU A CG  1 
ATOM   422 C  CD  . GLU A 1 56 ? -8.649  4.830   0.313   1.00 23.65 ? 56  GLU A CD  1 
ATOM   423 O  OE1 . GLU A 1 56 ? -9.862  5.096   0.187   1.00 26.30 ? 56  GLU A OE1 1 
ATOM   424 O  OE2 . GLU A 1 56 ? -7.760  5.707   0.378   1.00 26.34 ? 56  GLU A OE2 1 
ATOM   425 N  N   . ASP A 1 57 ? -9.543  2.197   5.017   1.00 11.90 ? 57  ASP A N   1 
ATOM   426 C  CA  . ASP A 1 57 ? -10.256 1.370   5.994   1.00 12.03 ? 57  ASP A CA  1 
ATOM   427 C  C   . ASP A 1 57 ? -10.238 -0.126  5.670   1.00 12.92 ? 57  ASP A C   1 
ATOM   428 O  O   . ASP A 1 57 ? -11.161 -0.855  6.036   1.00 11.53 ? 57  ASP A O   1 
ATOM   429 C  CB  . ASP A 1 57 ? -11.714 1.839   6.118   1.00 13.32 ? 57  ASP A CB  1 
ATOM   430 C  CG  . ASP A 1 57 ? -12.405 1.291   7.355   1.00 13.87 ? 57  ASP A CG  1 
ATOM   431 O  OD1 . ASP A 1 57 ? -13.606 0.953   7.264   1.00 14.58 ? 57  ASP A OD1 1 
ATOM   432 O  OD2 . ASP A 1 57 ? -11.756 1.211   8.420   1.00 13.46 ? 57  ASP A OD2 1 
ATOM   433 N  N   . MET A 1 58 ? -9.197  -0.591  4.986   1.00 10.90 ? 58  MET A N   1 
ATOM   434 C  CA  . MET A 1 58 ? -9.099  -2.011  4.656   1.00 10.91 ? 58  MET A CA  1 
ATOM   435 C  C   . MET A 1 58 ? -8.633  -2.839  5.849   1.00 8.76  ? 58  MET A C   1 
ATOM   436 O  O   . MET A 1 58 ? -7.904  -2.348  6.709   1.00 10.74 ? 58  MET A O   1 
ATOM   437 C  CB  . MET A 1 58 ? -8.118  -2.232  3.502   1.00 11.69 ? 58  MET A CB  1 
ATOM   438 C  CG  . MET A 1 58 ? -8.622  -1.781  2.150   1.00 11.38 ? 58  MET A CG  1 
ATOM   439 S  SD  . MET A 1 58 ? -7.467  -2.223  0.847   1.00 13.31 ? 58  MET A SD  1 
ATOM   440 C  CE  . MET A 1 58 ? -6.401  -0.806  0.857   1.00 15.70 ? 58  MET A CE  1 
ATOM   441 N  N   . CYS A 1 59 ? -9.067  -4.096  5.896   1.00 8.56  ? 59  CYS A N   1 
ATOM   442 C  CA  . CYS A 1 59 ? -8.663  -5.001  6.965   1.00 8.73  ? 59  CYS A CA  1 
ATOM   443 C  C   . CYS A 1 59 ? -7.277  -5.535  6.649   1.00 10.39 ? 59  CYS A C   1 
ATOM   444 O  O   . CYS A 1 59 ? -6.899  -5.646  5.480   1.00 11.36 ? 59  CYS A O   1 
ATOM   445 C  CB  . CYS A 1 59 ? -9.602  -6.205  7.063   1.00 9.78  ? 59  CYS A CB  1 
ATOM   446 S  SG  . CYS A 1 59 ? -11.355 -5.799  7.283   1.00 10.78 ? 59  CYS A SG  1 
ATOM   447 N  N   . CYS A 1 60 ? -6.522  -5.862  7.690   1.00 8.80  ? 60  CYS A N   1 
ATOM   448 C  CA  . CYS A 1 60 ? -5.199  -6.439  7.505   1.00 9.80  ? 60  CYS A CA  1 
ATOM   449 C  C   . CYS A 1 60 ? -5.333  -7.923  7.836   1.00 10.36 ? 60  CYS A C   1 
ATOM   450 O  O   . CYS A 1 60 ? -5.612  -8.286  8.978   1.00 10.82 ? 60  CYS A O   1 
ATOM   451 C  CB  . CYS A 1 60 ? -4.176  -5.796  8.436   1.00 9.46  ? 60  CYS A CB  1 
ATOM   452 S  SG  . CYS A 1 60 ? -2.520  -6.477  8.134   1.00 10.32 ? 60  CYS A SG  1 
ATOM   453 N  N   . SER A 1 61 ? -5.144  -8.778  6.836   1.00 9.60  ? 61  SER A N   1 
ATOM   454 C  CA  . SER A 1 61 ? -5.279  -10.216 7.041   1.00 10.17 ? 61  SER A CA  1 
ATOM   455 C  C   . SER A 1 61 ? -4.194  -10.804 7.930   1.00 10.63 ? 61  SER A C   1 
ATOM   456 O  O   . SER A 1 61 ? -3.194  -10.153 8.230   1.00 11.33 ? 61  SER A O   1 
ATOM   457 C  CB  . SER A 1 61 ? -5.260  -10.946 5.701   1.00 11.19 ? 61  SER A CB  1 
ATOM   458 O  OG  . SER A 1 61 ? -3.933  -11.063 5.211   1.00 11.56 ? 61  SER A OG  1 
ATOM   459 N  N   . LYS A 1 62 ? -4.399  -12.052 8.337   1.00 12.05 ? 62  LYS A N   1 
ATOM   460 C  CA  . LYS A 1 62 ? -3.441  -12.749 9.185   1.00 12.75 ? 62  LYS A CA  1 
ATOM   461 C  C   . LYS A 1 62 ? -2.099  -12.928 8.481   1.00 13.51 ? 62  LYS A C   1 
ATOM   462 O  O   . LYS A 1 62 ? -1.076  -13.136 9.131   1.00 15.96 ? 62  LYS A O   1 
ATOM   463 C  CB  . LYS A 1 62 ? -3.998  -14.115 9.602   1.00 16.36 ? 62  LYS A CB  1 
ATOM   464 C  CG  . LYS A 1 62 ? -4.319  -15.046 8.443   1.00 20.92 ? 62  LYS A CG  1 
ATOM   465 C  CD  . LYS A 1 62 ? -4.931  -16.346 8.943   1.00 25.15 ? 62  LYS A CD  1 
ATOM   466 C  CE  . LYS A 1 62 ? -5.280  -17.281 7.794   1.00 27.89 ? 62  LYS A CE  1 
ATOM   467 N  NZ  . LYS A 1 62 ? -5.899  -18.547 8.281   1.00 31.96 ? 62  LYS A NZ  1 
ATOM   468 N  N   . TYR A 1 63 ? -2.104  -12.844 7.154   1.00 12.91 ? 63  TYR A N   1 
ATOM   469 C  CA  . TYR A 1 63 ? -0.874  -12.991 6.388   1.00 13.33 ? 63  TYR A CA  1 
ATOM   470 C  C   . TYR A 1 63 ? -0.265  -11.647 5.995   1.00 11.78 ? 63  TYR A C   1 
ATOM   471 O  O   . TYR A 1 63 ? 0.710   -11.595 5.247   1.00 11.91 ? 63  TYR A O   1 
ATOM   472 C  CB  . TYR A 1 63 ? -1.118  -13.855 5.145   1.00 16.39 ? 63  TYR A CB  1 
ATOM   473 C  CG  . TYR A 1 63 ? -1.351  -15.313 5.477   1.00 19.61 ? 63  TYR A CG  1 
ATOM   474 C  CD1 . TYR A 1 63 ? -0.378  -16.058 6.140   1.00 21.82 ? 63  TYR A CD1 1 
ATOM   475 C  CD2 . TYR A 1 63 ? -2.552  -15.941 5.150   1.00 22.21 ? 63  TYR A CD2 1 
ATOM   476 C  CE1 . TYR A 1 63 ? -0.594  -17.394 6.475   1.00 24.51 ? 63  TYR A CE1 1 
ATOM   477 C  CE2 . TYR A 1 63 ? -2.779  -17.281 5.480   1.00 23.40 ? 63  TYR A CE2 1 
ATOM   478 C  CZ  . TYR A 1 63 ? -1.795  -17.998 6.143   1.00 24.06 ? 63  TYR A CZ  1 
ATOM   479 O  OH  . TYR A 1 63 ? -2.011  -19.313 6.486   1.00 27.27 ? 63  TYR A OH  1 
ATOM   480 N  N   . GLY A 1 64 ? -0.851  -10.560 6.494   1.00 10.30 ? 64  GLY A N   1 
ATOM   481 C  CA  . GLY A 1 64 ? -0.310  -9.243  6.207   1.00 10.79 ? 64  GLY A CA  1 
ATOM   482 C  C   . GLY A 1 64 ? -0.692  -8.603  4.888   1.00 9.65  ? 64  GLY A C   1 
ATOM   483 O  O   . GLY A 1 64 ? 0.092   -7.847  4.314   1.00 10.29 ? 64  GLY A O   1 
ATOM   484 N  N   . TRP A 1 65 ? -1.889  -8.906  4.397   1.00 9.32  ? 65  TRP A N   1 
ATOM   485 C  CA  . TRP A 1 65 ? -2.372  -8.320  3.149   1.00 9.53  ? 65  TRP A CA  1 
ATOM   486 C  C   . TRP A 1 65 ? -3.611  -7.472  3.405   1.00 9.91  ? 65  TRP A C   1 
ATOM   487 O  O   . TRP A 1 65 ? -4.471  -7.841  4.205   1.00 10.15 ? 65  TRP A O   1 
ATOM   488 C  CB  . TRP A 1 65 ? -2.709  -9.408  2.127   1.00 11.87 ? 65  TRP A CB  1 
ATOM   489 C  CG  . TRP A 1 65 ? -1.505  -10.072 1.549   1.00 13.43 ? 65  TRP A CG  1 
ATOM   490 C  CD1 . TRP A 1 65 ? -0.859  -11.172 2.033   1.00 15.06 ? 65  TRP A CD1 1 
ATOM   491 C  CD2 . TRP A 1 65 ? -0.777  -9.655  0.389   1.00 13.98 ? 65  TRP A CD2 1 
ATOM   492 N  NE1 . TRP A 1 65 ? 0.231   -11.465 1.246   1.00 14.87 ? 65  TRP A NE1 1 
ATOM   493 C  CE2 . TRP A 1 65 ? 0.305   -10.549 0.231   1.00 14.12 ? 65  TRP A CE2 1 
ATOM   494 C  CE3 . TRP A 1 65 ? -0.930  -8.607  -0.530  1.00 16.19 ? 65  TRP A CE3 1 
ATOM   495 C  CZ2 . TRP A 1 65 ? 1.229   -10.431 -0.815  1.00 16.33 ? 65  TRP A CZ2 1 
ATOM   496 C  CZ3 . TRP A 1 65 ? -0.010  -8.489  -1.569  1.00 17.93 ? 65  TRP A CZ3 1 
ATOM   497 C  CH2 . TRP A 1 65 ? 1.055   -9.397  -1.700  1.00 17.56 ? 65  TRP A CH2 1 
ATOM   498 N  N   . CYS A 1 66 ? -3.690  -6.333  2.721   1.00 9.25  ? 66  CYS A N   1 
ATOM   499 C  CA  . CYS A 1 66 ? -4.816  -5.416  2.860   1.00 8.63  ? 66  CYS A CA  1 
ATOM   500 C  C   . CYS A 1 66 ? -5.984  -5.805  1.960   1.00 10.03 ? 66  CYS A C   1 
ATOM   501 O  O   . CYS A 1 66 ? -5.789  -6.130  0.790   1.00 11.31 ? 66  CYS A O   1 
ATOM   502 C  CB  . CYS A 1 66 ? -4.380  -3.991  2.516   1.00 9.66  ? 66  CYS A CB  1 
ATOM   503 S  SG  . CYS A 1 66 ? -3.168  -3.275  3.668   1.00 10.04 ? 66  CYS A SG  1 
ATOM   504 N  N   . GLY A 1 67 ? -7.196  -5.747  2.507   1.00 9.12  ? 67  GLY A N   1 
ATOM   505 C  CA  . GLY A 1 67 ? -8.373  -6.101  1.729   1.00 10.94 ? 67  GLY A CA  1 
ATOM   506 C  C   . GLY A 1 67 ? -9.686  -5.903  2.464   1.00 11.58 ? 67  GLY A C   1 
ATOM   507 O  O   . GLY A 1 67 ? -9.699  -5.480  3.620   1.00 12.34 ? 67  GLY A O   1 
ATOM   508 N  N   . TYR A 1 68 ? -10.790 -6.220  1.790   1.00 11.49 ? 68  TYR A N   1 
ATOM   509 C  CA  . TYR A 1 68 ? -12.129 -6.073  2.359   1.00 12.21 ? 68  TYR A CA  1 
ATOM   510 C  C   . TYR A 1 68 ? -12.891 -7.393  2.470   1.00 13.22 ? 68  TYR A C   1 
ATOM   511 O  O   . TYR A 1 68 ? -13.978 -7.429  3.044   1.00 14.56 ? 68  TYR A O   1 
ATOM   512 C  CB  . TYR A 1 68 ? -12.976 -5.137  1.490   1.00 12.48 ? 68  TYR A CB  1 
ATOM   513 C  CG  . TYR A 1 68 ? -12.471 -3.721  1.351   1.00 11.84 ? 68  TYR A CG  1 
ATOM   514 C  CD1 . TYR A 1 68 ? -12.466 -2.846  2.437   1.00 12.56 ? 68  TYR A CD1 1 
ATOM   515 C  CD2 . TYR A 1 68 ? -12.053 -3.238  0.115   1.00 12.74 ? 68  TYR A CD2 1 
ATOM   516 C  CE1 . TYR A 1 68 ? -12.061 -1.518  2.291   1.00 10.94 ? 68  TYR A CE1 1 
ATOM   517 C  CE2 . TYR A 1 68 ? -11.646 -1.918  -0.043  1.00 13.52 ? 68  TYR A CE2 1 
ATOM   518 C  CZ  . TYR A 1 68 ? -11.654 -1.064  1.047   1.00 12.86 ? 68  TYR A CZ  1 
ATOM   519 O  OH  . TYR A 1 68 ? -11.254 0.240   0.882   1.00 13.45 ? 68  TYR A OH  1 
ATOM   520 N  N   . SER A 1 69 ? -12.336 -8.468  1.922   1.00 12.10 ? 69  SER A N   1 
ATOM   521 C  CA  . SER A 1 69 ? -13.030 -9.755  1.937   1.00 12.57 ? 69  SER A CA  1 
ATOM   522 C  C   . SER A 1 69 ? -13.123 -10.393 3.315   1.00 12.99 ? 69  SER A C   1 
ATOM   523 O  O   . SER A 1 69 ? -12.433 -9.982  4.247   1.00 12.31 ? 69  SER A O   1 
ATOM   524 C  CB  . SER A 1 69 ? -12.353 -10.734 0.976   1.00 13.35 ? 69  SER A CB  1 
ATOM   525 O  OG  . SER A 1 69 ? -11.208 -11.327 1.567   1.00 15.00 ? 69  SER A OG  1 
ATOM   526 N  N   . ASP A 1 70 ? -13.989 -11.395 3.434   1.00 14.01 ? 70  ASP A N   1 
ATOM   527 C  CA  . ASP A 1 70 ? -14.158 -12.114 4.691   1.00 14.50 ? 70  ASP A CA  1 
ATOM   528 C  C   . ASP A 1 70 ? -12.823 -12.731 5.091   1.00 14.60 ? 70  ASP A C   1 
ATOM   529 O  O   . ASP A 1 70 ? -12.501 -12.825 6.272   1.00 15.21 ? 70  ASP A O   1 
ATOM   530 C  CB  . ASP A 1 70 ? -15.197 -13.233 4.545   1.00 15.72 ? 70  ASP A CB  1 
ATOM   531 C  CG  . ASP A 1 70 ? -16.623 -12.730 4.632   1.00 16.11 ? 70  ASP A CG  1 
ATOM   532 O  OD1 . ASP A 1 70 ? -17.549 -13.561 4.496   1.00 19.03 ? 70  ASP A OD1 1 
ATOM   533 O  OD2 . ASP A 1 70 ? -16.825 -11.517 4.843   1.00 17.53 ? 70  ASP A OD2 1 
ATOM   534 N  N   . ASP A 1 71 ? -12.042 -13.149 4.101   1.00 14.28 ? 71  ASP A N   1 
ATOM   535 C  CA  . ASP A 1 71 ? -10.754 -13.766 4.381   1.00 16.10 ? 71  ASP A CA  1 
ATOM   536 C  C   . ASP A 1 71 ? -9.753  -12.761 4.950   1.00 14.88 ? 71  ASP A C   1 
ATOM   537 O  O   . ASP A 1 71 ? -8.821  -13.140 5.660   1.00 16.78 ? 71  ASP A O   1 
ATOM   538 C  CB  . ASP A 1 71 ? -10.200 -14.424 3.114   1.00 20.36 ? 71  ASP A CB  1 
ATOM   539 C  CG  . ASP A 1 71 ? -9.083  -15.405 3.409   1.00 25.24 ? 71  ASP A CG  1 
ATOM   540 O  OD1 . ASP A 1 71 ? -7.925  -14.965 3.563   1.00 29.40 ? 71  ASP A OD1 1 
ATOM   541 O  OD2 . ASP A 1 71 ? -9.371  -16.617 3.503   1.00 25.57 ? 71  ASP A OD2 1 
ATOM   542 N  N   . HIS A 1 72 ? -9.948  -11.481 4.644   1.00 13.00 ? 72  HIS A N   1 
ATOM   543 C  CA  . HIS A 1 72 ? -9.062  -10.435 5.153   1.00 12.11 ? 72  HIS A CA  1 
ATOM   544 C  C   . HIS A 1 72 ? -9.514  -9.935  6.520   1.00 12.60 ? 72  HIS A C   1 
ATOM   545 O  O   . HIS A 1 72 ? -8.695  -9.584  7.367   1.00 11.48 ? 72  HIS A O   1 
ATOM   546 C  CB  . HIS A 1 72 ? -9.046  -9.208  4.237   1.00 13.64 ? 72  HIS A CB  1 
ATOM   547 C  CG  . HIS A 1 72 ? -8.390  -9.424  2.912   1.00 12.69 ? 72  HIS A CG  1 
ATOM   548 N  ND1 . HIS A 1 72 ? -9.088  -9.804  1.788   1.00 12.59 ? 72  HIS A ND1 1 
ATOM   549 C  CD2 . HIS A 1 72 ? -7.103  -9.263  2.521   1.00 13.29 ? 72  HIS A CD2 1 
ATOM   550 C  CE1 . HIS A 1 72 ? -8.261  -9.866  0.759   1.00 13.91 ? 72  HIS A CE1 1 
ATOM   551 N  NE2 . HIS A 1 72 ? -7.051  -9.542  1.177   1.00 13.46 ? 72  HIS A NE2 1 
ATOM   552 N  N   . CYS A 1 73 ? -10.828 -9.896  6.717   1.00 10.87 ? 73  CYS A N   1 
ATOM   553 C  CA  . CYS A 1 73 ? -11.407 -9.363  7.941   1.00 11.54 ? 73  CYS A CA  1 
ATOM   554 C  C   . CYS A 1 73 ? -11.781 -10.330 9.056   1.00 13.92 ? 73  CYS A C   1 
ATOM   555 O  O   . CYS A 1 73 ? -11.968 -9.901  10.197  1.00 13.31 ? 73  CYS A O   1 
ATOM   556 C  CB  . CYS A 1 73 ? -12.635 -8.523  7.580   1.00 12.01 ? 73  CYS A CB  1 
ATOM   557 S  SG  . CYS A 1 73 ? -12.330 -7.273  6.287   1.00 12.14 ? 73  CYS A SG  1 
ATOM   558 N  N   . GLU A 1 74 ? -11.900 -11.616 8.740   1.00 16.13 ? 74  GLU A N   1 
ATOM   559 C  CA  . GLU A 1 74 ? -12.279 -12.594 9.750   1.00 20.37 ? 74  GLU A CA  1 
ATOM   560 C  C   . GLU A 1 74 ? -11.118 -13.125 10.574  1.00 21.91 ? 74  GLU A C   1 
ATOM   561 O  O   . GLU A 1 74 ? -10.194 -12.395 10.931  1.00 22.30 ? 74  GLU A O   1 
ATOM   562 C  CB  . GLU A 1 74 ? -13.023 -13.771 9.107   1.00 23.31 ? 74  GLU A CB  1 
ATOM   563 C  CG  . GLU A 1 74 ? -14.306 -13.367 8.413   1.00 28.42 ? 74  GLU A CG  1 
ATOM   564 C  CD  . GLU A 1 74 ? -15.130 -12.404 9.244   1.00 30.54 ? 74  GLU A CD  1 
ATOM   565 O  OE1 . GLU A 1 74 ? -15.519 -11.343 8.713   1.00 33.34 ? 74  GLU A OE1 1 
ATOM   566 O  OE2 . GLU A 1 74 ? -15.390 -12.704 10.429  1.00 32.87 ? 74  GLU A OE2 1 
ATOM   567 N  N   . ASP A 1 75 ? -11.194 -14.415 10.873  1.00 22.82 ? 75  ASP A N   1 
ATOM   568 C  CA  . ASP A 1 75 ? -10.197 -15.119 11.663  1.00 24.31 ? 75  ASP A CA  1 
ATOM   569 C  C   . ASP A 1 75 ? -8.761  -14.673 11.399  1.00 22.27 ? 75  ASP A C   1 
ATOM   570 O  O   . ASP A 1 75 ? -8.275  -14.727 10.267  1.00 23.68 ? 75  ASP A O   1 
ATOM   571 C  CB  . ASP A 1 75 ? -10.344 -16.627 11.420  1.00 27.06 ? 75  ASP A CB  1 
ATOM   572 C  CG  . ASP A 1 75 ? -9.054  -17.281 10.969  1.00 30.11 ? 75  ASP A CG  1 
ATOM   573 O  OD1 . ASP A 1 75 ? -8.246  -17.684 11.834  1.00 32.27 ? 75  ASP A OD1 1 
ATOM   574 O  OD2 . ASP A 1 75 ? -8.844  -17.381 9.743   1.00 32.50 ? 75  ASP A OD2 1 
ATOM   575 N  N   . GLY A 1 76 ? -8.096  -14.212 12.455  1.00 21.48 ? 76  GLY A N   1 
ATOM   576 C  CA  . GLY A 1 76 ? -6.712  -13.791 12.334  1.00 17.25 ? 76  GLY A CA  1 
ATOM   577 C  C   . GLY A 1 76 ? -6.436  -12.361 11.901  1.00 14.40 ? 76  GLY A C   1 
ATOM   578 O  O   . GLY A 1 76 ? -5.283  -11.929 11.940  1.00 14.13 ? 76  GLY A O   1 
ATOM   579 N  N   . CYS A 1 77 ? -7.467  -11.628 11.486  1.00 12.23 ? 77  CYS A N   1 
ATOM   580 C  CA  . CYS A 1 77 ? -7.283  -10.245 11.053  1.00 10.79 ? 77  CYS A CA  1 
ATOM   581 C  C   . CYS A 1 77 ? -6.509  -9.463  12.115  1.00 11.10 ? 77  CYS A C   1 
ATOM   582 O  O   . CYS A 1 77 ? -6.784  -9.577  13.309  1.00 12.01 ? 77  CYS A O   1 
ATOM   583 C  CB  . CYS A 1 77 ? -8.643  -9.603  10.772  1.00 11.16 ? 77  CYS A CB  1 
ATOM   584 S  SG  . CYS A 1 77 ? -8.578  -7.803  10.546  1.00 11.55 ? 77  CYS A SG  1 
ATOM   585 N  N   . GLN A 1 78 ? -5.537  -8.674  11.666  1.00 9.97  ? 78  GLN A N   1 
ATOM   586 C  CA  . GLN A 1 78 ? -4.679  -7.912  12.569  1.00 10.58 ? 78  GLN A CA  1 
ATOM   587 C  C   . GLN A 1 78 ? -5.132  -6.501  12.923  1.00 10.47 ? 78  GLN A C   1 
ATOM   588 O  O   . GLN A 1 78 ? -4.758  -5.982  13.975  1.00 11.70 ? 78  GLN A O   1 
ATOM   589 C  CB  . GLN A 1 78 ? -3.265  -7.831  11.989  1.00 11.28 ? 78  GLN A CB  1 
ATOM   590 C  CG  . GLN A 1 78 ? -2.584  -9.167  11.780  1.00 10.88 ? 78  GLN A CG  1 
ATOM   591 C  CD  . GLN A 1 78 ? -1.154  -9.002  11.308  1.00 12.00 ? 78  GLN A CD  1 
ATOM   592 O  OE1 . GLN A 1 78 ? -0.330  -8.396  11.995  1.00 12.24 ? 78  GLN A OE1 1 
ATOM   593 N  NE2 . GLN A 1 78 ? -0.851  -9.537  10.129  1.00 11.27 ? 78  GLN A NE2 1 
ATOM   594 N  N   . SER A 1 79 ? -5.914  -5.870  12.055  1.00 10.14 ? 79  SER A N   1 
ATOM   595 C  CA  . SER A 1 79 ? -6.365  -4.510  12.328  1.00 10.66 ? 79  SER A CA  1 
ATOM   596 C  C   . SER A 1 79 ? -7.498  -4.081  11.411  1.00 10.59 ? 79  SER A C   1 
ATOM   597 O  O   . SER A 1 79 ? -7.681  -4.652  10.333  1.00 9.42  ? 79  SER A O   1 
ATOM   598 C  CB  . SER A 1 79 ? -5.199  -3.527  12.170  1.00 11.89 ? 79  SER A CB  1 
ATOM   599 O  OG  . SER A 1 79 ? -4.696  -3.532  10.842  1.00 12.97 ? 79  SER A OG  1 
ATOM   600 N  N   . GLN A 1 80 ? -8.242  -3.066  11.851  1.00 10.43 ? 80  GLN A N   1 
ATOM   601 C  CA  . GLN A 1 80 ? -9.367  -2.520  11.100  1.00 10.41 ? 80  GLN A CA  1 
ATOM   602 C  C   . GLN A 1 80 ? -10.239 -3.646  10.559  1.00 10.83 ? 80  GLN A C   1 
ATOM   603 O  O   . GLN A 1 80 ? -10.639 -3.643  9.398   1.00 11.17 ? 80  GLN A O   1 
ATOM   604 C  CB  . GLN A 1 80 ? -8.837  -1.625  9.970   1.00 12.36 ? 80  GLN A CB  1 
ATOM   605 C  CG  . GLN A 1 80 ? -8.017  -0.459  10.514  1.00 13.41 ? 80  GLN A CG  1 
ATOM   606 C  CD  . GLN A 1 80 ? -7.442  0.460   9.453   1.00 15.53 ? 80  GLN A CD  1 
ATOM   607 O  OE1 . GLN A 1 80 ? -6.913  1.527   9.774   1.00 17.61 ? 80  GLN A OE1 1 
ATOM   608 N  NE2 . GLN A 1 80 ? -7.529  0.056   8.191   1.00 14.64 ? 80  GLN A NE2 1 
ATOM   609 N  N   . CYS A 1 81 ? -10.548 -4.594  11.440  1.00 11.32 ? 81  CYS A N   1 
ATOM   610 C  CA  . CYS A 1 81 ? -11.335 -5.770  11.087  1.00 12.60 ? 81  CYS A CA  1 
ATOM   611 C  C   . CYS A 1 81 ? -12.838 -5.560  10.992  1.00 14.42 ? 81  CYS A C   1 
ATOM   612 O  O   . CYS A 1 81 ? -13.538 -6.382  10.405  1.00 16.70 ? 81  CYS A O   1 
ATOM   613 C  CB  . CYS A 1 81 ? -11.032 -6.899  12.076  1.00 11.59 ? 81  CYS A CB  1 
ATOM   614 S  SG  . CYS A 1 81 ? -9.242  -7.121  12.338  1.00 11.39 ? 81  CYS A SG  1 
ATOM   615 N  N   . ASP A 1 82 ? -13.340 -4.475  11.572  1.00 15.99 ? 82  ASP A N   1 
ATOM   616 C  CA  . ASP A 1 82 ? -14.768 -4.193  11.510  1.00 16.63 ? 82  ASP A CA  1 
ATOM   617 C  C   . ASP A 1 82 ? -15.029 -2.714  11.251  1.00 17.11 ? 82  ASP A C   1 
ATOM   618 O  O   . ASP A 1 82 ? -14.048 -1.979  10.998  1.00 14.72 ? 82  ASP A O   1 
ATOM   619 C  CB  . ASP A 1 82 ? -15.467 -4.643  12.802  1.00 20.00 ? 82  ASP A CB  1 
ATOM   620 C  CG  . ASP A 1 82 ? -15.048 -3.838  14.019  1.00 21.49 ? 82  ASP A CG  1 
ATOM   621 O  OD1 . ASP A 1 82 ? -15.441 -4.220  15.143  1.00 25.64 ? 82  ASP A OD1 1 
ATOM   622 O  OD2 . ASP A 1 82 ? -14.336 -2.825  13.865  1.00 22.52 ? 82  ASP A OD2 1 
ATOM   623 O  OXT . ASP A 1 82 ? -16.210 -2.310  11.287  1.00 18.23 ? 82  ASP A OXT 1 
HETATM 624 CA CA  . CA  B 2 .  ? -13.468 -0.123  9.642   1.00 12.42 ? 100 CA  A CA  1 
HETATM 625 O  O   . HOH C 3 .  ? -3.069  0.511   2.039   1.00 20.59 ? 101 HOH A O   1 
HETATM 626 O  O   . HOH C 3 .  ? -5.439  -2.293  8.497   1.00 11.62 ? 102 HOH A O   1 
HETATM 627 O  O   . HOH C 3 .  ? -7.298  -12.830 8.136   1.00 18.22 ? 103 HOH A O   1 
HETATM 628 O  O   . HOH C 3 .  ? -0.319  -6.990  14.273  1.00 18.90 ? 104 HOH A O   1 
HETATM 629 O  O   . HOH C 3 .  ? -2.360  -5.201  -10.547 1.00 34.19 ? 105 HOH A O   1 
HETATM 630 O  O   . HOH C 3 .  ? 4.607   7.620   -3.230  1.00 15.09 ? 106 HOH A O   1 
HETATM 631 O  O   . HOH C 3 .  ? 1.957   -8.954  8.912   1.00 12.82 ? 107 HOH A O   1 
HETATM 632 O  O   . HOH C 3 .  ? -7.636  3.545   6.984   1.00 28.06 ? 108 HOH A O   1 
HETATM 633 O  O   . HOH C 3 .  ? -10.678 -7.119  -1.001  1.00 24.36 ? 109 HOH A O   1 
HETATM 634 O  O   . HOH C 3 .  ? -7.730  -1.551  14.272  1.00 23.05 ? 110 HOH A O   1 
HETATM 635 O  O   . HOH C 3 .  ? -12.489 -1.857  8.253   1.00 11.71 ? 111 HOH A O   1 
HETATM 636 O  O   . HOH C 3 .  ? -11.619 -0.256  11.292  1.00 16.00 ? 112 HOH A O   1 
HETATM 637 O  O   . HOH C 3 .  ? 9.928   10.414  -10.660 1.00 15.87 ? 113 HOH A O   1 
HETATM 638 O  O   . HOH C 3 .  ? 5.221   14.332  -0.502  1.00 25.15 ? 114 HOH A O   1 
HETATM 639 O  O   . HOH C 3 .  ? 8.390   14.367  -0.007  1.00 27.82 ? 115 HOH A O   1 
HETATM 640 O  O   . HOH C 3 .  ? 12.538  2.930   -9.871  1.00 32.06 ? 116 HOH A O   1 
HETATM 641 O  O   . HOH C 3 .  ? -3.883  2.465   -9.824  1.00 28.55 ? 117 HOH A O   1 
HETATM 642 O  O   . HOH C 3 .  ? 2.920   2.138   -14.424 1.00 20.97 ? 118 HOH A O   1 
HETATM 643 O  O   . HOH C 3 .  ? 2.256   -3.286  -1.965  1.00 16.78 ? 119 HOH A O   1 
HETATM 644 O  O   . HOH C 3 .  ? -1.954  -3.729  10.896  1.00 16.46 ? 120 HOH A O   1 
HETATM 645 O  O   . HOH C 3 .  ? 2.294   13.500  -5.544  1.00 41.70 ? 121 HOH A O   1 
HETATM 646 O  O   . HOH C 3 .  ? 8.560   9.733   -3.923  1.00 28.90 ? 122 HOH A O   1 
HETATM 647 O  O   . HOH C 3 .  ? -18.216 -2.183  12.979  1.00 22.45 ? 123 HOH A O   1 
HETATM 648 O  O   . HOH C 3 .  ? -5.138  4.928   -0.773  1.00 18.63 ? 124 HOH A O   1 
HETATM 649 O  O   . HOH C 3 .  ? 8.356   -0.236  -14.276 1.00 43.10 ? 125 HOH A O   1 
HETATM 650 O  O   . HOH C 3 .  ? 7.747   10.136  -16.728 1.00 20.66 ? 126 HOH A O   1 
HETATM 651 O  O   . HOH C 3 .  ? 3.323   5.020   -14.337 1.00 14.38 ? 127 HOH A O   1 
HETATM 652 O  O   . HOH C 3 .  ? -5.621  -1.286  -7.459  1.00 33.38 ? 128 HOH A O   1 
HETATM 653 O  O   . HOH C 3 .  ? -6.550  1.629   -9.609  1.00 40.11 ? 129 HOH A O   1 
HETATM 654 O  O   . HOH C 3 .  ? 10.798  -1.287  -5.494  1.00 29.80 ? 130 HOH A O   1 
HETATM 655 O  O   . HOH C 3 .  ? 8.232   -2.862  -5.091  1.00 25.77 ? 131 HOH A O   1 
HETATM 656 O  O   . HOH C 3 .  ? -7.153  1.299   -2.869  1.00 32.82 ? 132 HOH A O   1 
HETATM 657 O  O   . HOH C 3 .  ? 8.005   -5.455  11.107  1.00 28.52 ? 133 HOH A O   1 
HETATM 658 O  O   . HOH C 3 .  ? -1.010  3.467   6.667   1.00 31.61 ? 134 HOH A O   1 
HETATM 659 O  O   . HOH C 3 .  ? 0.141   4.509   3.990   1.00 32.47 ? 135 HOH A O   1 
HETATM 660 O  O   . HOH C 3 .  ? 1.748   -11.639 8.381   1.00 24.83 ? 136 HOH A O   1 
HETATM 661 O  O   . HOH C 3 .  ? -4.280  -12.801 3.127   1.00 22.08 ? 137 HOH A O   1 
HETATM 662 O  O   . HOH C 3 .  ? -3.942  -7.345  -0.942  1.00 23.91 ? 138 HOH A O   1 
HETATM 663 O  O   . HOH C 3 .  ? -5.010  -9.804  -0.688  1.00 17.68 ? 139 HOH A O   1 
HETATM 664 O  O   . HOH C 3 .  ? -10.545 1.057   -1.715  1.00 32.40 ? 140 HOH A O   1 
HETATM 665 O  O   . HOH C 3 .  ? -15.780 -8.819  4.991   1.00 26.85 ? 141 HOH A O   1 
HETATM 666 O  O   . HOH C 3 .  ? -12.031 -1.877  13.329  1.00 26.19 ? 142 HOH A O   1 
HETATM 667 O  O   . HOH C 3 .  ? -15.439 -0.039  13.572  1.00 28.42 ? 143 HOH A O   1 
HETATM 668 O  O   . HOH C 3 .  ? -15.965 -0.454  9.349   1.00 14.53 ? 144 HOH A O   1 
HETATM 669 O  O   . HOH C 3 .  ? 6.324   -5.165  13.395  1.00 39.82 ? 145 HOH A O   1 
HETATM 670 O  O   . HOH C 3 .  ? 12.699  5.390   -11.069 1.00 38.13 ? 146 HOH A O   1 
HETATM 671 O  O   . HOH C 3 .  ? -14.910 -3.727  17.806  1.00 38.65 ? 147 HOH A O   1 
HETATM 672 O  O   . HOH C 3 .  ? 0.272   2.794   9.935   1.00 32.26 ? 148 HOH A O   1 
HETATM 673 O  O   . HOH C 3 .  ? -9.882  3.111   9.313   1.00 28.91 ? 149 HOH A O   1 
HETATM 674 O  O   . HOH C 3 .  ? -3.916  -12.309 0.234   1.00 30.23 ? 150 HOH A O   1 
HETATM 675 O  O   . HOH C 3 .  ? -7.284  -6.584  -1.529  1.00 29.06 ? 151 HOH A O   1 
HETATM 676 O  O   . HOH C 3 .  ? -10.408 -12.943 -0.507  1.00 32.63 ? 152 HOH A O   1 
HETATM 677 O  O   . HOH C 3 .  ? -16.946 -16.225 5.146   1.00 37.80 ? 153 HOH A O   1 
HETATM 678 O  O   . HOH C 3 .  ? -13.315 -16.765 4.192   1.00 44.37 ? 154 HOH A O   1 
HETATM 679 O  O   . HOH C 3 .  ? -12.255 -16.343 7.222   1.00 45.76 ? 155 HOH A O   1 
HETATM 680 O  O   . HOH C 3 .  ? 2.067   14.729  -3.136  1.00 40.18 ? 156 HOH A O   1 
HETATM 681 O  O   . HOH C 3 .  ? -14.295 -1.069  5.125   1.00 29.32 ? 157 HOH A O   1 
HETATM 682 O  O   . HOH C 3 .  ? 12.263  1.813   -3.654  1.00 33.54 ? 158 HOH A O   1 
HETATM 683 O  O   . HOH C 3 .  ? -3.350  -6.914  -3.538  1.00 34.88 ? 159 HOH A O   1 
HETATM 684 O  O   . HOH C 3 .  ? -7.198  6.029   3.925   1.00 34.47 ? 160 HOH A O   1 
HETATM 685 O  O   . HOH C 3 .  ? -2.561  -1.525  -14.104 1.00 33.53 ? 161 HOH A O   1 
HETATM 686 O  O   . HOH C 3 .  ? -10.156 5.827   5.484   1.00 34.84 ? 162 HOH A O   1 
HETATM 687 O  O   . HOH C 3 .  ? -16.317 -1.454  6.917   1.00 36.62 ? 163 HOH A O   1 
HETATM 688 O  O   . HOH C 3 .  ? 6.859   0.967   -11.536 1.00 28.18 ? 164 HOH A O   1 
HETATM 689 O  O   . HOH C 3 .  ? -6.884  0.624   -5.380  1.00 38.65 ? 165 HOH A O   1 
HETATM 690 O  O   . HOH C 3 .  ? 0.744   2.284   -15.963 1.00 25.25 ? 166 HOH A O   1 
HETATM 691 O  O   . HOH C 3 .  ? 5.793   -3.979  -3.527  1.00 31.53 ? 167 HOH A O   1 
HETATM 692 O  O   . HOH C 3 .  ? 13.557  16.375  -8.874  1.00 36.63 ? 168 HOH A O   1 
HETATM 693 O  O   . HOH C 3 .  ? 7.621   -0.647  13.991  1.00 42.00 ? 169 HOH A O   1 
HETATM 694 O  O   . HOH C 3 .  ? -13.683 -1.915  16.306  1.00 32.26 ? 170 HOH A O   1 
HETATM 695 O  O   . HOH C 3 .  ? -15.798 -6.999  15.744  1.00 39.30 ? 171 HOH A O   1 
HETATM 696 O  O   . HOH C 3 .  ? -11.876 -10.412 12.973  1.00 30.84 ? 172 HOH A O   1 
HETATM 697 O  O   . HOH C 3 .  ? 4.410   -4.714  15.103  1.00 35.80 ? 173 HOH A O   1 
HETATM 698 O  O   . HOH C 3 .  ? -14.049 1.265   3.439   1.00 30.80 ? 174 HOH A O   1 
HETATM 699 O  O   . HOH C 3 .  ? -0.142  13.577  -6.762  1.00 38.19 ? 175 HOH A O   1 
HETATM 700 O  O   . HOH C 3 .  ? -7.231  2.717   12.426  1.00 31.30 ? 176 HOH A O   1 
HETATM 701 O  O   . HOH C 3 .  ? -10.392 5.696   8.828   1.00 37.59 ? 177 HOH A O   1 
HETATM 702 O  O   . HOH C 3 .  ? 1.968   2.999   1.500   1.00 32.09 ? 178 HOH A O   1 
HETATM 703 O  O   . HOH C 3 .  ? -1.898  8.993   -11.528 1.00 30.40 ? 179 HOH A O   1 
HETATM 704 O  O   . HOH C 3 .  ? 4.801   -7.787  -0.895  1.00 34.00 ? 180 HOH A O   1 
# 
